data_5X8H
#
_entry.id   5X8H
#
_cell.length_a   86.826
_cell.length_b   102.867
_cell.length_c   109.380
_cell.angle_alpha   90.00
_cell.angle_beta   90.00
_cell.angle_gamma   90.00
#
_symmetry.space_group_name_H-M   'P 21 21 21'
#
loop_
_entity.id
_entity.type
_entity.pdbx_description
1 polymer 'Short-chain dehydrogenase reductase'
2 water water
#
_entity_poly.entity_id   1
_entity_poly.type   'polypeptide(L)'
_entity_poly.pdbx_seq_one_letter_code
;MGILDNKVALVTGAGSGIGLAVAHSYAKEGAKVIVSDINEDHGNKAVEDIKAQGGEASFVKADTSNPEEVEALVKRTVEI
YGRLDIACNNAGIGGEQALAGDYGLDSWRKVLSINLDGVFYGCKYELEQMEKNGGGVIVNMASIHGIVAAPLSSAYTSAK
HAVVGLTKNIGAEYGQKNIRCNAVGPAYIETPLLESLTKEMKEALISKHPMGRLGKPEEVAELVLFLSSEKSSFMTGGYY
LVDGGYTAV
;
_entity_poly.pdbx_strand_id   A,B,C,D
#
# COMPACT_ATOMS: atom_id res chain seq x y z
N GLY A 2 -19.34 -9.57 29.37
CA GLY A 2 -19.15 -9.01 28.00
C GLY A 2 -17.93 -8.10 27.93
N ILE A 3 -17.16 -8.20 26.86
CA ILE A 3 -15.91 -7.44 26.75
C ILE A 3 -16.17 -5.92 26.64
N LEU A 4 -17.40 -5.51 26.31
CA LEU A 4 -17.79 -4.08 26.24
C LEU A 4 -18.73 -3.68 27.38
N ASP A 5 -18.61 -4.33 28.53
CA ASP A 5 -19.55 -4.10 29.60
C ASP A 5 -19.62 -2.63 30.07
N ASN A 6 -20.85 -2.13 30.08
CA ASN A 6 -21.18 -0.74 30.39
C ASN A 6 -20.52 0.33 29.53
N LYS A 7 -20.07 -0.03 28.32
CA LYS A 7 -19.63 0.96 27.34
C LYS A 7 -20.88 1.43 26.63
N VAL A 8 -20.84 2.65 26.13
CA VAL A 8 -21.92 3.12 25.31
C VAL A 8 -21.38 3.22 23.88
N ALA A 9 -22.10 2.57 22.97
CA ALA A 9 -21.69 2.47 21.58
C ALA A 9 -22.76 3.09 20.70
N LEU A 10 -22.32 3.79 19.65
CA LEU A 10 -23.19 4.31 18.60
C LEU A 10 -22.88 3.59 17.29
N VAL A 11 -23.90 3.23 16.54
CA VAL A 11 -23.72 2.64 15.22
C VAL A 11 -24.62 3.37 14.23
N THR A 12 -24.02 3.91 13.17
CA THR A 12 -24.81 4.53 12.10
C THR A 12 -25.17 3.47 11.05
N GLY A 13 -26.29 3.66 10.34
CA GLY A 13 -26.78 2.73 9.36
C GLY A 13 -26.98 1.35 9.95
N ALA A 14 -27.51 1.32 11.16
CA ALA A 14 -27.56 0.12 11.97
C ALA A 14 -28.83 -0.72 11.78
N GLY A 15 -29.68 -0.35 10.82
CA GLY A 15 -30.94 -1.03 10.55
C GLY A 15 -30.86 -2.35 9.80
N SER A 16 -29.75 -2.58 9.10
CA SER A 16 -29.65 -3.72 8.23
C SER A 16 -28.19 -4.00 7.97
N GLY A 17 -27.92 -5.17 7.39
CA GLY A 17 -26.59 -5.56 6.93
C GLY A 17 -25.50 -5.52 7.99
N ILE A 18 -24.34 -4.98 7.61
CA ILE A 18 -23.19 -4.89 8.48
C ILE A 18 -23.49 -4.11 9.75
N GLY A 19 -24.06 -2.92 9.60
CA GLY A 19 -24.44 -2.10 10.73
C GLY A 19 -25.30 -2.83 11.76
N LEU A 20 -26.25 -3.62 11.29
CA LEU A 20 -27.13 -4.40 12.19
C LEU A 20 -26.33 -5.43 12.96
N ALA A 21 -25.44 -6.15 12.26
CA ALA A 21 -24.57 -7.15 12.89
C ALA A 21 -23.64 -6.52 13.91
N VAL A 22 -23.10 -5.34 13.61
CA VAL A 22 -22.24 -4.64 14.56
C VAL A 22 -23.03 -4.27 15.81
N ALA A 23 -24.21 -3.67 15.60
CA ALA A 23 -25.12 -3.31 16.71
C ALA A 23 -25.42 -4.54 17.58
N HIS A 24 -25.73 -5.66 16.95
CA HIS A 24 -25.92 -6.93 17.69
C HIS A 24 -24.70 -7.38 18.44
N SER A 25 -23.54 -7.36 17.78
CA SER A 25 -22.34 -7.84 18.42
C SER A 25 -21.96 -6.95 19.63
N TYR A 26 -22.10 -5.63 19.48
CA TYR A 26 -21.84 -4.72 20.59
C TYR A 26 -22.75 -4.96 21.83
N ALA A 27 -24.03 -5.10 21.57
CA ALA A 27 -25.05 -5.39 22.59
C ALA A 27 -24.81 -6.75 23.27
N LYS A 28 -24.43 -7.73 22.49
CA LYS A 28 -24.14 -9.08 23.02
C LYS A 28 -22.96 -9.02 23.99
N GLU A 29 -22.05 -8.07 23.76
CA GLU A 29 -20.90 -7.90 24.64
C GLU A 29 -21.08 -6.88 25.72
N GLY A 30 -22.33 -6.48 25.95
CA GLY A 30 -22.70 -5.70 27.12
C GLY A 30 -22.76 -4.20 26.94
N ALA A 31 -22.58 -3.74 25.71
CA ALA A 31 -22.61 -2.30 25.43
C ALA A 31 -24.04 -1.80 25.44
N LYS A 32 -24.24 -0.54 25.79
CA LYS A 32 -25.49 0.12 25.60
C LYS A 32 -25.39 0.77 24.24
N VAL A 33 -26.29 0.41 23.33
CA VAL A 33 -26.13 0.77 21.92
C VAL A 33 -27.19 1.74 21.42
N ILE A 34 -26.75 2.82 20.80
CA ILE A 34 -27.60 3.69 20.03
C ILE A 34 -27.58 3.17 18.63
N VAL A 35 -28.74 2.65 18.20
CA VAL A 35 -28.98 2.24 16.83
C VAL A 35 -29.42 3.43 16.02
N SER A 36 -28.61 3.86 15.07
CA SER A 36 -29.05 4.99 14.25
C SER A 36 -29.26 4.51 12.84
N ASP A 37 -30.31 5.03 12.23
CA ASP A 37 -30.60 4.75 10.85
C ASP A 37 -31.45 5.88 10.30
N ILE A 38 -31.41 6.05 9.00
CA ILE A 38 -32.29 7.01 8.35
C ILE A 38 -33.74 6.49 8.28
N ASN A 39 -33.91 5.16 8.36
CA ASN A 39 -35.20 4.44 8.27
C ASN A 39 -35.69 3.98 9.64
N GLU A 40 -36.82 4.52 10.08
CA GLU A 40 -37.31 4.32 11.47
C GLU A 40 -37.79 2.91 11.73
N ASP A 41 -38.47 2.32 10.74
CA ASP A 41 -38.94 0.94 10.87
C ASP A 41 -37.78 -0.04 11.06
N HIS A 42 -36.77 0.07 10.20
CA HIS A 42 -35.58 -0.77 10.32
C HIS A 42 -34.92 -0.53 11.65
N GLY A 43 -34.77 0.74 12.03
CA GLY A 43 -34.07 1.03 13.29
C GLY A 43 -34.78 0.53 14.51
N ASN A 44 -36.09 0.80 14.56
CA ASN A 44 -36.92 0.34 15.66
C ASN A 44 -36.94 -1.17 15.77
N LYS A 45 -37.01 -1.83 14.61
CA LYS A 45 -36.96 -3.28 14.56
C LYS A 45 -35.66 -3.83 15.14
N ALA A 46 -34.54 -3.17 14.83
CA ALA A 46 -33.25 -3.63 15.37
C ALA A 46 -33.20 -3.53 16.89
N VAL A 47 -33.72 -2.42 17.41
CA VAL A 47 -33.69 -2.20 18.83
C VAL A 47 -34.49 -3.26 19.60
N GLU A 48 -35.65 -3.62 19.08
CA GLU A 48 -36.47 -4.68 19.68
C GLU A 48 -35.74 -6.02 19.66
N ASP A 49 -35.17 -6.33 18.50
CA ASP A 49 -34.45 -7.59 18.34
C ASP A 49 -33.31 -7.66 19.31
N ILE A 50 -32.58 -6.54 19.47
CA ILE A 50 -31.47 -6.53 20.44
C ILE A 50 -31.95 -6.73 21.88
N LYS A 51 -33.07 -6.07 22.17
CA LYS A 51 -33.66 -6.13 23.51
C LYS A 51 -34.19 -7.53 23.81
N ALA A 52 -34.89 -8.10 22.84
CA ALA A 52 -35.31 -9.49 22.92
C ALA A 52 -34.17 -10.46 23.26
N GLN A 53 -32.96 -10.19 22.75
CA GLN A 53 -31.82 -11.10 22.97
C GLN A 53 -31.04 -10.85 24.24
N GLY A 54 -31.55 -9.96 25.09
CA GLY A 54 -30.98 -9.65 26.38
C GLY A 54 -30.14 -8.39 26.44
N GLY A 55 -30.03 -7.65 25.33
CA GLY A 55 -29.23 -6.41 25.28
C GLY A 55 -29.97 -5.09 25.49
N GLU A 56 -29.18 -4.01 25.63
CA GLU A 56 -29.71 -2.68 25.85
C GLU A 56 -29.42 -1.80 24.60
N ALA A 57 -30.49 -1.25 24.03
CA ALA A 57 -30.38 -0.42 22.86
C ALA A 57 -31.50 0.58 22.76
N SER A 58 -31.25 1.64 22.00
CA SER A 58 -32.23 2.72 21.81
C SER A 58 -32.07 3.24 20.39
N PHE A 59 -33.18 3.63 19.74
CA PHE A 59 -33.13 4.09 18.34
C PHE A 59 -33.08 5.61 18.21
N VAL A 60 -32.19 6.13 17.38
CA VAL A 60 -32.14 7.58 17.10
C VAL A 60 -31.95 7.81 15.64
N LYS A 61 -32.95 8.43 15.03
CA LYS A 61 -32.96 8.68 13.60
C LYS A 61 -31.90 9.72 13.19
N ALA A 62 -31.21 9.46 12.07
CA ALA A 62 -30.26 10.42 11.55
C ALA A 62 -29.92 10.15 10.09
N ASP A 63 -29.75 11.23 9.35
CA ASP A 63 -29.18 11.22 8.02
C ASP A 63 -27.76 11.71 8.26
N THR A 64 -26.77 10.85 8.03
CA THR A 64 -25.41 11.24 8.37
C THR A 64 -24.84 12.32 7.45
N SER A 65 -25.43 12.51 6.28
CA SER A 65 -25.01 13.63 5.39
C SER A 65 -25.33 15.03 5.92
N ASN A 66 -26.17 15.11 6.93
CA ASN A 66 -26.52 16.37 7.56
C ASN A 66 -25.78 16.56 8.89
N PRO A 67 -24.81 17.48 8.95
CA PRO A 67 -23.96 17.61 10.11
C PRO A 67 -24.72 17.95 11.41
N GLU A 68 -25.80 18.72 11.29
CA GLU A 68 -26.66 19.03 12.44
C GLU A 68 -27.29 17.79 13.03
N GLU A 69 -27.78 16.90 12.18
CA GLU A 69 -28.37 15.60 12.62
C GLU A 69 -27.35 14.70 13.30
N VAL A 70 -26.11 14.72 12.80
CA VAL A 70 -25.05 13.98 13.41
C VAL A 70 -24.64 14.50 14.79
N GLU A 71 -24.46 15.81 14.89
CA GLU A 71 -24.22 16.43 16.20
C GLU A 71 -25.34 16.12 17.21
N ALA A 72 -26.58 16.14 16.74
CA ALA A 72 -27.78 15.88 17.57
C ALA A 72 -27.78 14.44 18.02
N LEU A 73 -27.39 13.54 17.11
CA LEU A 73 -27.25 12.10 17.42
C LEU A 73 -26.27 11.82 18.55
N VAL A 74 -25.10 12.47 18.54
CA VAL A 74 -24.12 12.24 19.59
C VAL A 74 -24.67 12.84 20.87
N LYS A 75 -25.17 14.07 20.80
CA LYS A 75 -25.90 14.71 21.93
C LYS A 75 -26.93 13.78 22.58
N ARG A 76 -27.82 13.27 21.76
CA ARG A 76 -28.89 12.39 22.21
C ARG A 76 -28.34 11.08 22.82
N THR A 77 -27.24 10.55 22.28
CA THR A 77 -26.55 9.43 22.88
C THR A 77 -26.13 9.70 24.32
N VAL A 78 -25.63 10.91 24.55
CA VAL A 78 -25.15 11.31 25.87
C VAL A 78 -26.36 11.57 26.77
N GLU A 79 -27.41 12.16 26.21
CA GLU A 79 -28.68 12.36 26.98
C GLU A 79 -29.21 11.01 27.43
N ILE A 80 -29.26 10.02 26.54
CA ILE A 80 -29.83 8.72 26.89
C ILE A 80 -28.91 7.87 27.80
N TYR A 81 -27.62 7.75 27.47
CA TYR A 81 -26.75 6.84 28.22
C TYR A 81 -25.62 7.50 28.94
N GLY A 82 -25.49 8.82 28.86
CA GLY A 82 -24.54 9.51 29.73
C GLY A 82 -23.13 9.81 29.21
N ARG A 83 -22.76 9.30 28.05
CA ARG A 83 -21.35 9.29 27.59
C ARG A 83 -21.31 8.59 26.20
N LEU A 84 -20.14 8.62 25.58
CA LEU A 84 -19.92 7.89 24.29
C LEU A 84 -18.53 7.31 24.33
N ASP A 85 -18.46 5.99 24.39
CA ASP A 85 -17.21 5.24 24.44
C ASP A 85 -16.74 4.67 23.07
N ILE A 86 -17.69 4.24 22.25
CA ILE A 86 -17.41 3.51 20.97
C ILE A 86 -18.34 4.06 19.90
N ALA A 87 -17.84 4.18 18.66
CA ALA A 87 -18.68 4.57 17.56
C ALA A 87 -18.22 3.84 16.30
N CYS A 88 -19.19 3.36 15.54
CA CYS A 88 -18.94 2.75 14.28
C CYS A 88 -19.68 3.57 13.21
N ASN A 89 -18.90 4.18 12.34
CA ASN A 89 -19.45 4.98 11.25
C ASN A 89 -19.61 4.13 10.04
N ASN A 90 -20.82 3.58 9.92
CA ASN A 90 -21.16 2.59 8.95
C ASN A 90 -22.13 3.00 7.82
N ALA A 91 -23.00 3.97 8.04
CA ALA A 91 -23.97 4.33 7.02
C ALA A 91 -23.28 4.69 5.71
N GLY A 92 -23.77 4.10 4.63
CA GLY A 92 -23.28 4.42 3.29
C GLY A 92 -24.28 4.02 2.25
N ILE A 93 -24.05 4.48 1.01
CA ILE A 93 -24.79 4.05 -0.16
C ILE A 93 -23.81 3.57 -1.21
N GLY A 94 -24.31 2.79 -2.18
CA GLY A 94 -23.52 2.35 -3.30
C GLY A 94 -23.41 3.37 -4.41
N GLY A 95 -24.51 4.08 -4.66
CA GLY A 95 -24.53 5.12 -5.68
C GLY A 95 -24.76 4.62 -7.09
N GLU A 96 -24.94 5.59 -7.98
CA GLU A 96 -25.04 5.38 -9.40
C GLU A 96 -23.84 4.58 -9.86
N GLN A 97 -24.06 3.75 -10.87
CA GLN A 97 -23.01 3.04 -11.55
C GLN A 97 -22.95 3.53 -12.96
N ALA A 98 -21.81 4.12 -13.34
CA ALA A 98 -21.61 4.74 -14.63
C ALA A 98 -20.14 4.98 -14.84
N LEU A 99 -19.71 5.04 -16.09
CA LEU A 99 -18.35 5.47 -16.40
C LEU A 99 -18.08 6.84 -15.73
N ALA A 100 -16.85 7.08 -15.29
CA ALA A 100 -16.52 8.32 -14.56
C ALA A 100 -16.83 9.53 -15.43
N GLY A 101 -16.57 9.41 -16.73
CA GLY A 101 -16.90 10.46 -17.69
C GLY A 101 -18.38 10.78 -17.78
N ASP A 102 -19.21 9.77 -17.53
CA ASP A 102 -20.68 9.89 -17.54
C ASP A 102 -21.31 10.06 -16.18
N TYR A 103 -20.49 10.09 -15.13
CA TYR A 103 -21.01 10.07 -13.77
C TYR A 103 -21.72 11.37 -13.45
N GLY A 104 -22.89 11.28 -12.83
CA GLY A 104 -23.69 12.45 -12.54
C GLY A 104 -23.04 13.35 -11.51
N LEU A 105 -23.18 14.65 -11.70
CA LEU A 105 -22.70 15.65 -10.75
C LEU A 105 -23.41 15.52 -9.40
N ASP A 106 -24.73 15.36 -9.47
CA ASP A 106 -25.53 15.14 -8.28
C ASP A 106 -25.28 13.77 -7.63
N SER A 107 -25.17 12.73 -8.44
CA SER A 107 -24.86 11.36 -7.95
C SER A 107 -23.49 11.35 -7.23
N TRP A 108 -22.53 12.12 -7.76
CA TRP A 108 -21.17 12.20 -7.19
C TRP A 108 -21.26 12.85 -5.83
N ARG A 109 -21.86 14.03 -5.78
CA ARG A 109 -22.07 14.72 -4.51
C ARG A 109 -22.80 13.87 -3.47
N LYS A 110 -23.82 13.15 -3.90
CA LYS A 110 -24.60 12.32 -2.98
C LYS A 110 -23.74 11.19 -2.32
N VAL A 111 -22.99 10.45 -3.14
CA VAL A 111 -22.12 9.40 -2.61
C VAL A 111 -21.10 10.01 -1.66
N LEU A 112 -20.47 11.11 -2.05
CA LEU A 112 -19.40 11.73 -1.21
C LEU A 112 -19.95 12.31 0.08
N SER A 113 -21.12 12.96 -0.01
CA SER A 113 -21.89 13.47 1.14
C SER A 113 -22.11 12.46 2.20
N ILE A 114 -22.60 11.31 1.82
CA ILE A 114 -22.91 10.25 2.79
C ILE A 114 -21.67 9.45 3.18
N ASN A 115 -20.99 8.92 2.19
CA ASN A 115 -19.90 8.01 2.48
C ASN A 115 -18.65 8.65 3.00
N LEU A 116 -18.36 9.92 2.66
CA LEU A 116 -17.23 10.60 3.29
C LEU A 116 -17.66 11.67 4.29
N ASP A 117 -18.41 12.68 3.86
CA ASP A 117 -18.70 13.81 4.78
C ASP A 117 -19.38 13.30 6.07
N GLY A 118 -20.33 12.38 5.93
CA GLY A 118 -21.05 11.83 7.05
C GLY A 118 -20.17 11.06 8.05
N VAL A 119 -19.12 10.42 7.53
CA VAL A 119 -18.16 9.72 8.35
C VAL A 119 -17.34 10.78 9.08
N PHE A 120 -16.93 11.81 8.36
CA PHE A 120 -16.24 12.95 8.98
C PHE A 120 -17.09 13.65 10.05
N TYR A 121 -18.32 13.95 9.72
CA TYR A 121 -19.24 14.54 10.73
C TYR A 121 -19.34 13.67 11.94
N GLY A 122 -19.50 12.37 11.74
CA GLY A 122 -19.54 11.46 12.88
C GLY A 122 -18.29 11.53 13.68
N CYS A 123 -17.14 11.33 13.01
CA CYS A 123 -15.87 11.41 13.71
C CYS A 123 -15.73 12.75 14.45
N LYS A 124 -16.06 13.86 13.80
CA LYS A 124 -15.93 15.18 14.46
C LYS A 124 -16.68 15.24 15.81
N TYR A 125 -17.97 14.86 15.79
CA TYR A 125 -18.80 15.02 16.99
C TYR A 125 -18.56 13.92 17.98
N GLU A 126 -18.18 12.75 17.48
CA GLU A 126 -17.71 11.67 18.36
C GLU A 126 -16.45 12.03 19.12
N LEU A 127 -15.45 12.53 18.42
CA LEU A 127 -14.19 12.97 19.05
C LEU A 127 -14.42 14.05 20.16
N GLU A 128 -15.25 15.03 19.82
CA GLU A 128 -15.63 16.14 20.72
C GLU A 128 -16.18 15.58 22.04
N GLN A 129 -17.14 14.66 21.96
CA GLN A 129 -17.65 13.97 23.15
C GLN A 129 -16.61 13.09 23.83
N MET A 130 -15.92 12.27 23.05
CA MET A 130 -14.92 11.40 23.65
C MET A 130 -13.88 12.10 24.51
N GLU A 131 -13.44 13.28 24.08
CA GLU A 131 -12.49 14.09 24.86
C GLU A 131 -13.13 14.54 26.20
N LYS A 132 -14.47 14.62 26.26
CA LYS A 132 -15.16 14.95 27.52
C LYS A 132 -15.33 13.77 28.45
N ASN A 133 -15.25 12.53 27.96
CA ASN A 133 -15.41 11.36 28.83
C ASN A 133 -14.25 10.39 28.85
N GLY A 134 -13.04 10.92 28.77
CA GLY A 134 -11.81 10.15 29.02
C GLY A 134 -11.35 9.39 27.78
N GLY A 135 -11.84 9.76 26.62
CA GLY A 135 -11.41 9.05 25.36
C GLY A 135 -12.41 8.02 24.90
N GLY A 136 -11.97 7.13 24.01
CA GLY A 136 -12.90 6.20 23.36
C GLY A 136 -12.29 5.62 22.08
N VAL A 137 -13.13 4.98 21.29
CA VAL A 137 -12.66 4.20 20.12
C VAL A 137 -13.65 4.40 19.00
N ILE A 138 -13.11 4.58 17.81
CA ILE A 138 -13.94 4.79 16.64
C ILE A 138 -13.55 3.73 15.62
N VAL A 139 -14.55 3.12 14.99
CA VAL A 139 -14.33 2.31 13.79
C VAL A 139 -15.05 2.91 12.61
N ASN A 140 -14.31 3.16 11.55
CA ASN A 140 -14.84 3.63 10.30
C ASN A 140 -15.00 2.54 9.30
N MET A 141 -16.18 2.46 8.73
CA MET A 141 -16.41 1.43 7.70
C MET A 141 -15.93 1.97 6.37
N ALA A 142 -14.85 1.39 5.87
CA ALA A 142 -14.38 1.64 4.56
C ALA A 142 -14.87 0.45 3.67
N SER A 143 -13.97 -0.17 2.91
CA SER A 143 -14.28 -1.18 1.91
C SER A 143 -12.94 -1.60 1.31
N ILE A 144 -12.92 -2.76 0.65
CA ILE A 144 -11.85 -3.06 -0.28
C ILE A 144 -11.64 -1.89 -1.24
N HIS A 145 -12.71 -1.19 -1.55
CA HIS A 145 -12.59 -0.05 -2.46
C HIS A 145 -12.03 1.23 -1.90
N GLY A 146 -11.62 1.18 -0.63
CA GLY A 146 -10.68 2.12 -0.10
C GLY A 146 -9.24 1.92 -0.53
N ILE A 147 -8.96 0.79 -1.19
CA ILE A 147 -7.61 0.50 -1.77
C ILE A 147 -7.54 -0.03 -3.19
N VAL A 148 -8.65 -0.53 -3.76
CA VAL A 148 -8.64 -1.00 -5.19
C VAL A 148 -9.92 -0.46 -5.88
N ALA A 149 -9.85 -0.23 -7.19
CA ALA A 149 -10.98 0.37 -7.91
C ALA A 149 -12.19 -0.55 -7.97
N ALA A 150 -13.36 0.05 -8.13
CA ALA A 150 -14.59 -0.68 -8.46
C ALA A 150 -15.12 -0.08 -9.78
N PRO A 151 -14.84 -0.73 -10.90
CA PRO A 151 -15.24 -0.07 -12.14
C PRO A 151 -16.72 0.25 -12.14
N LEU A 152 -17.00 1.48 -12.57
CA LEU A 152 -18.35 2.09 -12.64
C LEU A 152 -18.82 2.71 -11.33
N SER A 153 -18.03 2.58 -10.26
CA SER A 153 -18.38 3.17 -8.96
C SER A 153 -17.24 4.10 -8.47
N SER A 154 -16.80 4.99 -9.35
CA SER A 154 -15.73 5.93 -9.01
C SER A 154 -16.05 6.82 -7.78
N ALA A 155 -17.31 7.22 -7.59
CA ALA A 155 -17.62 8.01 -6.39
C ALA A 155 -17.41 7.20 -5.13
N TYR A 156 -17.92 5.99 -5.14
CA TYR A 156 -17.80 5.07 -4.02
C TYR A 156 -16.34 4.79 -3.67
N THR A 157 -15.55 4.44 -4.68
CA THR A 157 -14.12 4.26 -4.54
C THR A 157 -13.41 5.48 -3.92
N SER A 158 -13.71 6.65 -4.46
CA SER A 158 -13.11 7.88 -3.99
C SER A 158 -13.42 8.17 -2.50
N ALA A 159 -14.68 8.00 -2.16
CA ALA A 159 -15.16 8.21 -0.83
C ALA A 159 -14.51 7.24 0.17
N LYS A 160 -14.42 5.97 -0.20
CA LYS A 160 -13.83 4.96 0.66
C LYS A 160 -12.32 5.12 0.82
N HIS A 161 -11.65 5.50 -0.25
CA HIS A 161 -10.23 5.93 -0.13
C HIS A 161 -10.11 7.09 0.89
N ALA A 162 -10.99 8.08 0.78
CA ALA A 162 -10.97 9.26 1.65
C ALA A 162 -11.20 8.88 3.12
N VAL A 163 -12.06 7.88 3.33
CA VAL A 163 -12.26 7.30 4.67
C VAL A 163 -10.99 6.68 5.27
N VAL A 164 -10.23 5.95 4.48
CA VAL A 164 -8.95 5.37 4.89
C VAL A 164 -7.98 6.49 5.31
N GLY A 165 -7.93 7.57 4.50
CA GLY A 165 -7.11 8.74 4.82
C GLY A 165 -7.49 9.46 6.11
N LEU A 166 -8.77 9.73 6.24
CA LEU A 166 -9.32 10.37 7.41
C LEU A 166 -8.93 9.54 8.65
N THR A 167 -9.09 8.21 8.57
CA THR A 167 -8.75 7.31 9.65
C THR A 167 -7.28 7.42 10.07
N LYS A 168 -6.35 7.39 9.12
CA LYS A 168 -4.95 7.54 9.43
C LYS A 168 -4.71 8.86 10.18
N ASN A 169 -5.27 9.93 9.66
CA ASN A 169 -5.17 11.26 10.28
C ASN A 169 -5.69 11.30 11.71
N ILE A 170 -6.90 10.77 11.91
CA ILE A 170 -7.46 10.75 13.28
C ILE A 170 -6.62 9.91 14.21
N GLY A 171 -6.16 8.76 13.74
CA GLY A 171 -5.37 7.91 14.59
C GLY A 171 -4.06 8.59 14.99
N ALA A 172 -3.37 9.15 14.00
CA ALA A 172 -2.16 9.98 14.23
C ALA A 172 -2.42 11.16 15.21
N GLU A 173 -3.47 11.93 14.98
CA GLU A 173 -3.71 13.11 15.81
C GLU A 173 -4.06 12.80 17.26
N TYR A 174 -4.80 11.74 17.48
CA TYR A 174 -5.37 11.49 18.82
C TYR A 174 -4.67 10.37 19.54
N GLY A 175 -3.48 10.01 19.05
CA GLY A 175 -2.72 8.94 19.61
C GLY A 175 -2.48 9.08 21.10
N GLN A 176 -2.16 10.30 21.51
CA GLN A 176 -1.88 10.58 22.92
C GLN A 176 -3.08 11.09 23.69
N LYS A 177 -4.27 11.00 23.09
CA LYS A 177 -5.49 11.49 23.71
C LYS A 177 -6.47 10.38 24.06
N ASN A 178 -5.98 9.17 24.27
CA ASN A 178 -6.81 8.01 24.74
C ASN A 178 -7.96 7.65 23.78
N ILE A 179 -7.69 7.87 22.49
CA ILE A 179 -8.69 7.74 21.44
C ILE A 179 -7.99 6.95 20.31
N ARG A 180 -8.64 5.88 19.84
CA ARG A 180 -8.09 5.11 18.68
C ARG A 180 -9.13 5.21 17.61
N CYS A 181 -8.71 5.03 16.35
CA CYS A 181 -9.57 5.11 15.21
C CYS A 181 -8.96 4.27 14.14
N ASN A 182 -9.74 3.29 13.67
CA ASN A 182 -9.29 2.37 12.63
C ASN A 182 -10.40 2.18 11.63
N ALA A 183 -10.01 1.66 10.48
CA ALA A 183 -10.96 1.41 9.40
C ALA A 183 -11.05 -0.06 9.06
N VAL A 184 -12.24 -0.50 8.68
CA VAL A 184 -12.49 -1.88 8.22
C VAL A 184 -12.81 -1.87 6.74
N GLY A 185 -12.22 -2.82 6.03
CA GLY A 185 -12.36 -3.01 4.57
C GLY A 185 -12.98 -4.34 4.18
N PRO A 186 -14.33 -4.40 4.20
CA PRO A 186 -14.96 -5.65 3.72
C PRO A 186 -14.94 -5.74 2.21
N ALA A 187 -14.97 -6.96 1.73
CA ALA A 187 -15.19 -7.17 0.31
C ALA A 187 -16.73 -7.26 0.15
N TYR A 188 -17.23 -8.13 -0.71
CA TYR A 188 -18.66 -8.24 -0.94
C TYR A 188 -19.25 -9.19 0.09
N ILE A 189 -20.36 -8.74 0.68
CA ILE A 189 -21.03 -9.33 1.81
C ILE A 189 -22.49 -9.76 1.44
N GLU A 190 -22.83 -11.00 1.79
CA GLU A 190 -24.19 -11.56 1.54
C GLU A 190 -25.18 -10.79 2.36
N THR A 191 -26.12 -10.09 1.72
CA THR A 191 -27.24 -9.45 2.44
C THR A 191 -28.49 -9.71 1.59
N PRO A 192 -29.70 -9.64 2.18
CA PRO A 192 -30.91 -9.84 1.33
C PRO A 192 -31.02 -8.85 0.13
N LEU A 193 -30.36 -7.71 0.23
CA LEU A 193 -30.20 -6.75 -0.87
C LEU A 193 -29.37 -7.27 -2.08
N LEU A 194 -28.67 -8.41 -1.92
CA LEU A 194 -27.97 -9.11 -3.03
C LEU A 194 -28.77 -10.28 -3.64
N GLU A 195 -30.06 -10.38 -3.37
CA GLU A 195 -30.93 -11.33 -4.09
C GLU A 195 -31.65 -10.68 -5.27
N SER A 196 -31.27 -9.44 -5.60
CA SER A 196 -31.53 -8.83 -6.91
C SER A 196 -30.31 -8.93 -7.86
N LEU A 197 -29.27 -9.68 -7.46
CA LEU A 197 -28.26 -10.21 -8.40
C LEU A 197 -28.78 -11.53 -8.97
N THR A 198 -28.62 -11.76 -10.28
CA THR A 198 -28.80 -13.06 -10.87
C THR A 198 -27.69 -14.00 -10.40
N LYS A 199 -27.94 -15.27 -10.66
CA LYS A 199 -27.01 -16.35 -10.40
C LYS A 199 -25.61 -16.06 -10.98
N GLU A 200 -25.55 -15.62 -12.24
CA GLU A 200 -24.30 -15.35 -12.95
C GLU A 200 -23.59 -14.11 -12.34
N MET A 201 -24.34 -13.05 -12.02
CA MET A 201 -23.73 -11.86 -11.45
C MET A 201 -23.19 -12.18 -10.05
N LYS A 202 -23.90 -13.00 -9.28
CA LYS A 202 -23.43 -13.47 -7.98
C LYS A 202 -22.17 -14.33 -8.11
N GLU A 203 -22.15 -15.31 -9.01
CA GLU A 203 -20.95 -16.19 -9.22
C GLU A 203 -19.72 -15.38 -9.67
N ALA A 204 -19.95 -14.32 -10.46
CA ALA A 204 -18.88 -13.44 -10.89
C ALA A 204 -18.23 -12.70 -9.68
N LEU A 205 -19.04 -12.14 -8.80
CA LEU A 205 -18.53 -11.55 -7.55
C LEU A 205 -17.80 -12.56 -6.74
N ILE A 206 -18.38 -13.75 -6.60
CA ILE A 206 -17.77 -14.78 -5.78
C ILE A 206 -16.42 -15.18 -6.32
N SER A 207 -16.28 -15.25 -7.64
CA SER A 207 -15.02 -15.66 -8.23
C SER A 207 -13.88 -14.64 -7.99
N LYS A 208 -14.20 -13.44 -7.54
CA LYS A 208 -13.16 -12.49 -7.17
C LYS A 208 -12.65 -12.69 -5.74
N HIS A 209 -13.22 -13.62 -4.98
CA HIS A 209 -12.82 -13.90 -3.59
C HIS A 209 -12.18 -15.25 -3.58
N PRO A 210 -10.86 -15.31 -3.28
CA PRO A 210 -10.17 -16.60 -3.19
C PRO A 210 -10.80 -17.56 -2.25
N MET A 211 -11.50 -17.08 -1.21
CA MET A 211 -12.21 -18.02 -0.34
C MET A 211 -13.45 -18.70 -1.00
N GLY A 212 -13.88 -18.26 -2.17
CA GLY A 212 -14.90 -18.99 -2.93
C GLY A 212 -16.32 -18.83 -2.45
N ARG A 213 -16.55 -17.78 -1.64
CA ARG A 213 -17.88 -17.39 -1.19
C ARG A 213 -17.83 -15.90 -0.87
N LEU A 214 -18.99 -15.30 -0.66
CA LEU A 214 -19.06 -13.95 -0.13
C LEU A 214 -19.02 -14.01 1.38
N GLY A 215 -18.75 -12.85 1.98
CA GLY A 215 -18.60 -12.77 3.44
C GLY A 215 -19.97 -12.63 4.02
N LYS A 216 -20.07 -12.89 5.32
CA LYS A 216 -21.30 -12.63 6.08
C LYS A 216 -21.11 -11.38 6.93
N PRO A 217 -22.20 -10.67 7.21
CA PRO A 217 -22.20 -9.47 8.03
C PRO A 217 -21.63 -9.71 9.43
N GLU A 218 -21.91 -10.88 10.03
CA GLU A 218 -21.35 -11.31 11.34
C GLU A 218 -19.81 -11.35 11.33
N GLU A 219 -19.23 -11.81 10.22
CA GLU A 219 -17.78 -11.92 10.07
C GLU A 219 -17.14 -10.53 10.00
N VAL A 220 -17.83 -9.55 9.39
CA VAL A 220 -17.37 -8.15 9.42
C VAL A 220 -17.50 -7.60 10.85
N ALA A 221 -18.66 -7.82 11.48
CA ALA A 221 -18.89 -7.37 12.86
C ALA A 221 -17.84 -7.89 13.82
N GLU A 222 -17.35 -9.11 13.62
CA GLU A 222 -16.35 -9.66 14.56
C GLU A 222 -15.08 -8.81 14.56
N LEU A 223 -14.65 -8.44 13.38
CA LEU A 223 -13.51 -7.53 13.24
C LEU A 223 -13.80 -6.14 13.84
N VAL A 224 -14.97 -5.59 13.57
CA VAL A 224 -15.40 -4.31 14.19
C VAL A 224 -15.32 -4.37 15.72
N LEU A 225 -15.88 -5.45 16.26
CA LEU A 225 -15.87 -5.73 17.69
C LEU A 225 -14.47 -5.74 18.24
N PHE A 226 -13.60 -6.51 17.64
CA PHE A 226 -12.23 -6.60 18.09
C PHE A 226 -11.55 -5.23 18.11
N LEU A 227 -11.71 -4.49 17.02
CA LEU A 227 -11.18 -3.13 16.89
C LEU A 227 -11.78 -2.09 17.84
N SER A 228 -12.97 -2.36 18.36
CA SER A 228 -13.67 -1.50 19.31
C SER A 228 -13.37 -1.81 20.79
N SER A 229 -12.73 -2.95 21.06
CA SER A 229 -12.46 -3.45 22.43
C SER A 229 -11.05 -3.13 22.85
N GLU A 230 -10.75 -3.36 24.13
CA GLU A 230 -9.39 -3.20 24.63
C GLU A 230 -8.40 -4.21 24.08
N LYS A 231 -8.88 -5.27 23.44
CA LYS A 231 -7.99 -6.23 22.87
C LYS A 231 -7.12 -5.61 21.78
N SER A 232 -7.58 -4.53 21.14
CA SER A 232 -6.83 -3.90 20.06
C SER A 232 -6.17 -2.61 20.52
N SER A 233 -5.84 -2.54 21.82
CA SER A 233 -5.25 -1.37 22.46
C SER A 233 -4.04 -0.74 21.80
N PHE A 234 -3.20 -1.49 21.06
CA PHE A 234 -2.06 -0.86 20.32
C PHE A 234 -2.32 -0.74 18.81
N MET A 235 -3.60 -0.76 18.43
CA MET A 235 -3.98 -0.58 17.03
C MET A 235 -4.71 0.73 16.84
N THR A 236 -4.10 1.62 16.08
CA THR A 236 -4.74 2.85 15.65
C THR A 236 -4.20 3.33 14.32
N GLY A 237 -5.06 4.12 13.66
CA GLY A 237 -4.83 4.66 12.29
C GLY A 237 -4.82 3.66 11.15
N GLY A 238 -5.06 2.39 11.45
CA GLY A 238 -4.91 1.27 10.53
C GLY A 238 -6.14 0.92 9.70
N TYR A 239 -5.85 0.29 8.55
CA TYR A 239 -6.85 -0.27 7.65
C TYR A 239 -6.76 -1.81 7.71
N TYR A 240 -7.90 -2.44 7.97
CA TYR A 240 -8.02 -3.87 8.28
C TYR A 240 -9.04 -4.56 7.37
N LEU A 241 -8.53 -5.36 6.44
CA LEU A 241 -9.30 -6.08 5.46
C LEU A 241 -10.10 -7.21 6.08
N VAL A 242 -11.32 -7.41 5.56
CA VAL A 242 -12.10 -8.61 5.88
C VAL A 242 -12.70 -8.97 4.53
N ASP A 243 -11.83 -9.57 3.72
CA ASP A 243 -12.04 -9.56 2.29
C ASP A 243 -12.04 -10.92 1.63
N GLY A 244 -11.94 -12.00 2.37
CA GLY A 244 -11.91 -13.32 1.74
C GLY A 244 -10.75 -13.55 0.80
N GLY A 245 -9.66 -12.79 0.93
CA GLY A 245 -8.59 -12.87 -0.03
C GLY A 245 -8.61 -11.93 -1.22
N TYR A 246 -9.69 -11.17 -1.38
CA TYR A 246 -9.92 -10.39 -2.62
C TYR A 246 -8.70 -9.59 -3.07
N THR A 247 -8.06 -8.85 -2.14
CA THR A 247 -7.02 -7.90 -2.50
C THR A 247 -5.62 -8.50 -2.46
N ALA A 248 -5.52 -9.78 -2.13
CA ALA A 248 -4.23 -10.50 -2.14
C ALA A 248 -3.69 -10.70 -3.55
N VAL A 249 -4.56 -10.63 -4.56
CA VAL A 249 -4.20 -10.88 -5.93
C VAL A 249 -4.51 -9.64 -6.79
N GLY B 2 -12.48 -21.72 26.53
CA GLY B 2 -11.76 -20.73 25.67
C GLY B 2 -12.09 -20.90 24.19
N ILE B 3 -11.75 -19.90 23.39
CA ILE B 3 -12.09 -19.89 21.95
C ILE B 3 -11.28 -20.87 21.10
N LEU B 4 -10.16 -21.35 21.63
CA LEU B 4 -9.26 -22.32 20.97
C LEU B 4 -9.32 -23.72 21.60
N ASP B 5 -10.41 -23.99 22.32
CA ASP B 5 -10.60 -25.26 23.01
C ASP B 5 -10.32 -26.45 22.09
N ASN B 6 -9.36 -27.29 22.50
CA ASN B 6 -8.96 -28.53 21.80
C ASN B 6 -8.22 -28.37 20.48
N LYS B 7 -8.02 -27.15 20.01
CA LYS B 7 -7.15 -26.93 18.88
C LYS B 7 -5.71 -27.16 19.32
N VAL B 8 -4.90 -27.64 18.38
CA VAL B 8 -3.50 -27.87 18.58
C VAL B 8 -2.76 -26.77 17.84
N ALA B 9 -1.95 -26.02 18.59
CA ALA B 9 -1.24 -24.85 18.08
C ALA B 9 0.26 -24.87 18.27
N LEU B 10 0.98 -24.55 17.20
CA LEU B 10 2.42 -24.48 17.14
C LEU B 10 2.90 -23.02 17.16
N VAL B 11 3.83 -22.68 18.02
CA VAL B 11 4.43 -21.35 17.96
C VAL B 11 5.94 -21.49 17.89
N THR B 12 6.56 -20.93 16.85
CA THR B 12 8.05 -20.87 16.74
C THR B 12 8.64 -19.70 17.50
N GLY B 13 9.89 -19.83 17.95
CA GLY B 13 10.54 -18.80 18.79
C GLY B 13 9.72 -18.29 19.97
N ALA B 14 9.08 -19.21 20.69
CA ALA B 14 8.13 -18.88 21.75
C ALA B 14 8.73 -18.83 23.19
N GLY B 15 10.05 -18.75 23.28
CA GLY B 15 10.75 -18.63 24.55
C GLY B 15 10.83 -17.24 25.11
N SER B 16 10.61 -16.22 24.28
CA SER B 16 10.72 -14.83 24.69
C SER B 16 9.81 -13.91 23.86
N GLY B 17 9.60 -12.70 24.38
CA GLY B 17 9.01 -11.60 23.63
C GLY B 17 7.66 -12.00 23.04
N ILE B 18 7.48 -11.72 21.75
CA ILE B 18 6.15 -11.91 21.14
C ILE B 18 5.69 -13.38 21.13
N GLY B 19 6.55 -14.28 20.69
CA GLY B 19 6.21 -15.70 20.66
C GLY B 19 5.72 -16.27 21.99
N LEU B 20 6.35 -15.83 23.06
CA LEU B 20 6.00 -16.28 24.41
C LEU B 20 4.60 -15.82 24.74
N ALA B 21 4.35 -14.54 24.45
CA ALA B 21 3.02 -13.96 24.67
C ALA B 21 1.93 -14.67 23.87
N VAL B 22 2.24 -15.02 22.61
CA VAL B 22 1.34 -15.81 21.75
C VAL B 22 1.07 -17.20 22.30
N ALA B 23 2.14 -17.85 22.75
CA ALA B 23 1.99 -19.17 23.35
C ALA B 23 1.11 -19.08 24.62
N HIS B 24 1.36 -18.10 25.48
CA HIS B 24 0.45 -17.89 26.64
C HIS B 24 -0.99 -17.66 26.24
N SER B 25 -1.18 -16.72 25.29
CA SER B 25 -2.51 -16.40 24.82
C SER B 25 -3.26 -17.63 24.30
N TYR B 26 -2.63 -18.37 23.41
CA TYR B 26 -3.21 -19.58 22.85
C TYR B 26 -3.58 -20.60 23.97
N ALA B 27 -2.67 -20.80 24.92
CA ALA B 27 -2.86 -21.80 25.99
C ALA B 27 -3.96 -21.34 26.94
N LYS B 28 -3.96 -20.04 27.27
CA LYS B 28 -5.04 -19.46 28.09
C LYS B 28 -6.40 -19.63 27.49
N GLU B 29 -6.46 -19.66 26.16
CA GLU B 29 -7.71 -19.88 25.43
C GLU B 29 -7.99 -21.35 25.11
N GLY B 30 -7.28 -22.27 25.77
CA GLY B 30 -7.58 -23.68 25.68
C GLY B 30 -6.84 -24.50 24.64
N ALA B 31 -5.83 -23.92 23.98
CA ALA B 31 -5.14 -24.68 22.93
C ALA B 31 -4.14 -25.63 23.55
N LYS B 32 -3.94 -26.76 22.90
CA LYS B 32 -2.74 -27.58 23.13
C LYS B 32 -1.55 -26.98 22.36
N VAL B 33 -0.57 -26.45 23.08
CA VAL B 33 0.48 -25.61 22.48
C VAL B 33 1.84 -26.27 22.41
N ILE B 34 2.36 -26.48 21.20
CA ILE B 34 3.76 -26.82 21.01
C ILE B 34 4.52 -25.54 21.04
N VAL B 35 5.32 -25.40 22.11
CA VAL B 35 6.26 -24.31 22.28
C VAL B 35 7.54 -24.75 21.53
N SER B 36 7.97 -23.97 20.53
CA SER B 36 9.27 -24.20 19.90
C SER B 36 10.18 -23.01 19.99
N ASP B 37 11.46 -23.29 20.14
CA ASP B 37 12.52 -22.29 20.27
C ASP B 37 13.84 -23.02 20.05
N ILE B 38 14.84 -22.24 19.66
CA ILE B 38 16.23 -22.67 19.57
C ILE B 38 16.91 -22.81 20.95
N ASN B 39 16.34 -22.20 21.99
CA ASN B 39 16.89 -22.23 23.34
C ASN B 39 16.03 -23.11 24.26
N GLU B 40 16.58 -24.29 24.60
CA GLU B 40 15.95 -25.26 25.50
C GLU B 40 15.51 -24.71 26.84
N ASP B 41 16.38 -23.92 27.48
CA ASP B 41 16.08 -23.38 28.80
C ASP B 41 14.87 -22.44 28.72
N HIS B 42 14.96 -21.44 27.83
CA HIS B 42 13.82 -20.52 27.53
C HIS B 42 12.55 -21.28 27.19
N GLY B 43 12.68 -22.27 26.33
CA GLY B 43 11.57 -23.10 25.91
C GLY B 43 10.86 -23.84 27.01
N ASN B 44 11.64 -24.57 27.80
CA ASN B 44 11.13 -25.32 28.96
C ASN B 44 10.57 -24.34 30.00
N LYS B 45 11.31 -23.26 30.27
CA LYS B 45 10.81 -22.17 31.11
C LYS B 45 9.42 -21.73 30.65
N ALA B 46 9.22 -21.52 29.34
CA ALA B 46 7.92 -21.09 28.84
C ALA B 46 6.83 -22.13 29.06
N VAL B 47 7.12 -23.40 28.76
CA VAL B 47 6.18 -24.49 29.01
C VAL B 47 5.79 -24.61 30.49
N GLU B 48 6.78 -24.47 31.39
CA GLU B 48 6.47 -24.54 32.83
C GLU B 48 5.57 -23.38 33.23
N ASP B 49 5.95 -22.16 32.83
CA ASP B 49 5.15 -20.95 33.06
C ASP B 49 3.73 -21.10 32.55
N ILE B 50 3.56 -21.61 31.33
CA ILE B 50 2.23 -21.89 30.76
C ILE B 50 1.42 -22.83 31.65
N LYS B 51 2.03 -23.93 32.04
CA LYS B 51 1.37 -24.93 32.89
C LYS B 51 0.95 -24.40 34.24
N ALA B 52 1.79 -23.54 34.83
CA ALA B 52 1.46 -22.83 36.07
C ALA B 52 0.12 -22.06 36.06
N GLN B 53 -0.31 -21.56 34.90
CA GLN B 53 -1.65 -20.93 34.78
C GLN B 53 -2.71 -21.85 34.16
N GLY B 54 -2.62 -23.17 34.36
CA GLY B 54 -3.65 -24.11 33.91
C GLY B 54 -3.57 -24.60 32.46
N GLY B 55 -2.54 -24.18 31.75
CA GLY B 55 -2.45 -24.41 30.31
C GLY B 55 -1.92 -25.79 30.00
N GLU B 56 -2.19 -26.27 28.78
CA GLU B 56 -1.52 -27.45 28.20
C GLU B 56 -0.44 -27.01 27.16
N ALA B 57 0.82 -27.39 27.40
CA ALA B 57 1.92 -27.17 26.44
C ALA B 57 3.01 -28.26 26.49
N SER B 58 3.79 -28.40 25.39
CA SER B 58 5.01 -29.26 25.32
C SER B 58 6.11 -28.51 24.55
N PHE B 59 7.36 -28.74 24.92
CA PHE B 59 8.49 -28.09 24.27
C PHE B 59 8.96 -28.97 23.12
N VAL B 60 9.34 -28.35 22.00
CA VAL B 60 10.07 -29.06 20.94
C VAL B 60 11.10 -28.10 20.37
N LYS B 61 12.37 -28.44 20.58
CA LYS B 61 13.50 -27.71 20.03
C LYS B 61 13.46 -27.72 18.51
N ALA B 62 13.76 -26.56 17.90
CA ALA B 62 13.92 -26.49 16.44
C ALA B 62 14.62 -25.21 16.06
N ASP B 63 15.46 -25.31 15.05
CA ASP B 63 16.11 -24.18 14.39
C ASP B 63 15.36 -24.04 13.07
N THR B 64 14.67 -22.92 12.88
CA THR B 64 13.77 -22.83 11.71
C THR B 64 14.47 -22.65 10.38
N SER B 65 15.76 -22.32 10.40
CA SER B 65 16.55 -22.28 9.16
C SER B 65 16.86 -23.66 8.58
N ASN B 66 16.61 -24.72 9.35
CA ASN B 66 16.81 -26.08 8.86
C ASN B 66 15.49 -26.72 8.48
N PRO B 67 15.24 -26.92 7.17
CA PRO B 67 13.94 -27.46 6.79
C PRO B 67 13.61 -28.82 7.44
N GLU B 68 14.63 -29.68 7.60
CA GLU B 68 14.43 -31.01 8.22
C GLU B 68 13.93 -30.88 9.65
N GLU B 69 14.52 -29.95 10.41
CA GLU B 69 14.06 -29.67 11.77
C GLU B 69 12.62 -29.13 11.83
N VAL B 70 12.24 -28.29 10.88
CA VAL B 70 10.86 -27.77 10.85
C VAL B 70 9.87 -28.87 10.49
N GLU B 71 10.19 -29.68 9.49
CA GLU B 71 9.39 -30.83 9.13
C GLU B 71 9.23 -31.79 10.32
N ALA B 72 10.34 -32.04 11.03
CA ALA B 72 10.29 -32.91 12.23
C ALA B 72 9.55 -32.24 13.36
N LEU B 73 9.67 -30.90 13.47
CA LEU B 73 8.84 -30.11 14.42
C LEU B 73 7.33 -30.37 14.26
N VAL B 74 6.86 -30.43 13.02
CA VAL B 74 5.46 -30.67 12.73
C VAL B 74 5.08 -32.15 12.91
N LYS B 75 5.98 -33.08 12.55
CA LYS B 75 5.76 -34.53 12.83
C LYS B 75 5.56 -34.76 14.31
N ARG B 76 6.48 -34.17 15.08
CA ARG B 76 6.51 -34.25 16.54
C ARG B 76 5.26 -33.62 17.18
N THR B 77 4.80 -32.48 16.65
CA THR B 77 3.51 -31.94 17.06
C THR B 77 2.35 -32.93 16.86
N VAL B 78 2.36 -33.64 15.75
CA VAL B 78 1.29 -34.58 15.46
C VAL B 78 1.44 -35.80 16.39
N GLU B 79 2.66 -36.25 16.60
CA GLU B 79 2.91 -37.34 17.56
C GLU B 79 2.37 -37.01 18.94
N ILE B 80 2.69 -35.81 19.45
CA ILE B 80 2.32 -35.40 20.82
C ILE B 80 0.82 -35.13 20.98
N TYR B 81 0.19 -34.46 20.00
CA TYR B 81 -1.22 -34.02 20.10
C TYR B 81 -2.20 -34.49 19.01
N GLY B 82 -1.71 -35.22 18.00
CA GLY B 82 -2.56 -35.88 17.01
C GLY B 82 -2.89 -35.13 15.72
N ARG B 83 -2.58 -33.83 15.66
CA ARG B 83 -3.09 -32.98 14.58
C ARG B 83 -2.43 -31.60 14.67
N LEU B 84 -2.66 -30.75 13.66
CA LEU B 84 -2.26 -29.33 13.76
C LEU B 84 -3.33 -28.42 13.19
N ASP B 85 -3.83 -27.53 14.04
CA ASP B 85 -4.90 -26.63 13.70
C ASP B 85 -4.43 -25.20 13.44
N ILE B 86 -3.43 -24.76 14.22
CA ILE B 86 -2.96 -23.37 14.24
C ILE B 86 -1.45 -23.36 14.31
N ALA B 87 -0.83 -22.48 13.51
CA ALA B 87 0.60 -22.24 13.58
C ALA B 87 0.93 -20.75 13.49
N CYS B 88 1.78 -20.28 14.39
CA CYS B 88 2.31 -18.91 14.33
C CYS B 88 3.81 -19.00 14.06
N ASN B 89 4.22 -18.58 12.86
CA ASN B 89 5.63 -18.58 12.49
C ASN B 89 6.24 -17.26 12.93
N ASN B 90 6.82 -17.28 14.12
CA ASN B 90 7.26 -16.08 14.83
C ASN B 90 8.79 -15.94 14.92
N ALA B 91 9.50 -17.06 14.91
CA ALA B 91 10.97 -17.05 15.05
C ALA B 91 11.63 -16.09 14.07
N GLY B 92 12.37 -15.13 14.61
CA GLY B 92 13.19 -14.25 13.83
C GLY B 92 14.45 -13.79 14.53
N ILE B 93 15.31 -13.12 13.77
CA ILE B 93 16.43 -12.37 14.29
C ILE B 93 16.47 -11.01 13.62
N GLY B 94 17.22 -10.08 14.20
CA GLY B 94 17.37 -8.75 13.65
C GLY B 94 18.55 -8.58 12.71
N GLY B 95 19.63 -9.36 12.90
CA GLY B 95 20.84 -9.21 12.09
C GLY B 95 21.71 -8.02 12.47
N GLU B 96 22.82 -7.88 11.77
CA GLU B 96 23.73 -6.77 12.01
C GLU B 96 23.11 -5.47 11.53
N GLN B 97 23.48 -4.40 12.18
CA GLN B 97 23.13 -3.06 11.75
C GLN B 97 24.26 -2.51 10.90
N ALA B 98 23.98 -2.21 9.63
CA ALA B 98 24.95 -1.59 8.71
C ALA B 98 24.24 -1.04 7.47
N LEU B 99 24.88 -0.11 6.81
CA LEU B 99 24.37 0.35 5.54
C LEU B 99 24.36 -0.82 4.56
N ALA B 100 23.39 -0.82 3.64
CA ALA B 100 23.28 -1.88 2.64
C ALA B 100 24.60 -2.14 1.93
N GLY B 101 25.30 -1.07 1.57
CA GLY B 101 26.58 -1.18 0.87
C GLY B 101 27.67 -1.82 1.71
N ASP B 102 27.54 -1.75 3.03
CA ASP B 102 28.46 -2.39 4.01
C ASP B 102 27.91 -3.73 4.56
N TYR B 103 26.77 -4.22 4.06
CA TYR B 103 26.10 -5.28 4.80
C TYR B 103 26.81 -6.58 4.53
N GLY B 104 27.02 -7.37 5.58
CA GLY B 104 27.78 -8.60 5.49
C GLY B 104 27.06 -9.63 4.64
N LEU B 105 27.82 -10.39 3.84
CA LEU B 105 27.24 -11.47 3.05
C LEU B 105 26.67 -12.54 3.96
N ASP B 106 27.37 -12.82 5.05
CA ASP B 106 26.92 -13.87 5.93
C ASP B 106 25.73 -13.41 6.76
N SER B 107 25.76 -12.17 7.21
CA SER B 107 24.66 -11.64 8.00
C SER B 107 23.36 -11.56 7.13
N TRP B 108 23.47 -11.15 5.88
CA TRP B 108 22.34 -11.14 4.93
C TRP B 108 21.72 -12.51 4.85
N ARG B 109 22.56 -13.47 4.47
CA ARG B 109 22.16 -14.88 4.40
C ARG B 109 21.45 -15.36 5.67
N LYS B 110 22.02 -15.07 6.83
CA LYS B 110 21.50 -15.58 8.10
C LYS B 110 20.13 -15.00 8.39
N VAL B 111 19.98 -13.70 8.14
CA VAL B 111 18.68 -13.05 8.37
C VAL B 111 17.62 -13.62 7.43
N LEU B 112 17.92 -13.73 6.14
CA LEU B 112 16.94 -14.24 5.17
C LEU B 112 16.62 -15.70 5.43
N SER B 113 17.65 -16.46 5.80
CA SER B 113 17.45 -17.87 6.14
C SER B 113 16.47 -18.11 7.31
N ILE B 114 16.53 -17.31 8.35
CA ILE B 114 15.68 -17.52 9.49
C ILE B 114 14.33 -16.84 9.29
N ASN B 115 14.37 -15.54 8.97
CA ASN B 115 13.14 -14.72 8.90
C ASN B 115 12.23 -14.97 7.69
N LEU B 116 12.82 -15.38 6.57
CA LEU B 116 12.04 -15.78 5.39
C LEU B 116 12.03 -17.30 5.19
N ASP B 117 13.16 -17.92 4.90
CA ASP B 117 13.12 -19.37 4.59
C ASP B 117 12.46 -20.18 5.71
N GLY B 118 12.72 -19.81 6.96
CA GLY B 118 12.18 -20.50 8.10
C GLY B 118 10.68 -20.37 8.16
N VAL B 119 10.20 -19.18 7.78
CA VAL B 119 8.74 -18.99 7.69
C VAL B 119 8.16 -19.85 6.56
N PHE B 120 8.86 -19.90 5.44
CA PHE B 120 8.44 -20.71 4.31
C PHE B 120 8.40 -22.20 4.69
N TYR B 121 9.47 -22.64 5.34
CA TYR B 121 9.55 -24.04 5.79
C TYR B 121 8.39 -24.37 6.70
N GLY B 122 8.12 -23.49 7.67
CA GLY B 122 7.04 -23.64 8.57
C GLY B 122 5.74 -23.80 7.81
N CYS B 123 5.45 -22.84 6.93
CA CYS B 123 4.20 -22.89 6.16
C CYS B 123 4.10 -24.19 5.30
N LYS B 124 5.18 -24.55 4.62
CA LYS B 124 5.19 -25.73 3.79
C LYS B 124 4.75 -26.99 4.57
N TYR B 125 5.43 -27.23 5.70
CA TYR B 125 5.18 -28.40 6.52
C TYR B 125 3.93 -28.24 7.33
N GLU B 126 3.54 -26.99 7.67
CA GLU B 126 2.25 -26.78 8.31
C GLU B 126 1.11 -27.05 7.37
N LEU B 127 1.21 -26.54 6.15
CA LEU B 127 0.12 -26.73 5.19
C LEU B 127 -0.07 -28.24 4.93
N GLU B 128 1.02 -28.94 4.73
CA GLU B 128 0.99 -30.38 4.45
C GLU B 128 0.12 -31.13 5.46
N GLN B 129 0.39 -30.89 6.73
CA GLN B 129 -0.34 -31.53 7.82
C GLN B 129 -1.79 -31.04 7.93
N MET B 130 -2.04 -29.74 7.70
CA MET B 130 -3.39 -29.18 7.81
C MET B 130 -4.29 -29.76 6.72
N GLU B 131 -3.76 -30.01 5.52
CA GLU B 131 -4.55 -30.68 4.47
C GLU B 131 -4.91 -32.13 4.83
N LYS B 132 -4.16 -32.75 5.74
CA LYS B 132 -4.53 -34.08 6.25
C LYS B 132 -5.63 -34.01 7.31
N ASN B 133 -5.72 -32.90 8.06
CA ASN B 133 -6.65 -32.82 9.19
C ASN B 133 -7.73 -31.73 9.11
N GLY B 134 -8.31 -31.59 7.93
CA GLY B 134 -9.47 -30.71 7.71
C GLY B 134 -9.16 -29.20 7.52
N GLY B 135 -7.88 -28.85 7.45
CA GLY B 135 -7.47 -27.43 7.35
C GLY B 135 -6.92 -26.86 8.64
N GLY B 136 -6.94 -25.52 8.73
CA GLY B 136 -6.41 -24.81 9.87
C GLY B 136 -6.07 -23.37 9.49
N VAL B 137 -5.25 -22.74 10.32
CA VAL B 137 -5.03 -21.28 10.26
C VAL B 137 -3.59 -21.06 10.55
N ILE B 138 -2.92 -20.26 9.70
CA ILE B 138 -1.58 -19.83 9.92
C ILE B 138 -1.53 -18.31 10.15
N VAL B 139 -0.68 -17.89 11.08
CA VAL B 139 -0.30 -16.49 11.22
C VAL B 139 1.19 -16.40 11.05
N ASN B 140 1.64 -15.57 10.11
CA ASN B 140 3.04 -15.30 9.94
C ASN B 140 3.40 -13.97 10.56
N MET B 141 4.46 -13.96 11.35
CA MET B 141 4.94 -12.73 11.94
C MET B 141 5.79 -11.89 10.98
N ALA B 142 5.28 -10.74 10.63
CA ALA B 142 5.99 -9.81 9.82
C ALA B 142 6.46 -8.71 10.81
N SER B 143 6.32 -7.47 10.42
CA SER B 143 6.76 -6.32 11.17
C SER B 143 6.17 -5.11 10.41
N ILE B 144 6.07 -3.91 10.99
CA ILE B 144 6.01 -2.68 10.16
C ILE B 144 7.03 -2.68 9.05
N HIS B 145 8.18 -3.32 9.26
CA HIS B 145 9.20 -3.40 8.24
C HIS B 145 8.99 -4.40 7.13
N GLY B 146 7.81 -5.00 7.12
CA GLY B 146 7.28 -5.64 5.97
C GLY B 146 6.61 -4.66 5.01
N ILE B 147 6.41 -3.42 5.41
CA ILE B 147 5.91 -2.39 4.48
C ILE B 147 6.62 -1.06 4.48
N VAL B 148 7.45 -0.77 5.51
CA VAL B 148 8.33 0.43 5.47
C VAL B 148 9.78 0.06 5.88
N ALA B 149 10.71 0.87 5.42
CA ALA B 149 12.13 0.59 5.64
C ALA B 149 12.56 0.69 7.11
N ALA B 150 13.58 -0.07 7.49
CA ALA B 150 14.32 0.18 8.76
C ALA B 150 15.77 0.41 8.32
N PRO B 151 16.13 1.66 8.09
CA PRO B 151 17.51 2.06 7.83
C PRO B 151 18.47 1.28 8.73
N LEU B 152 19.50 0.72 8.08
CA LEU B 152 20.56 -0.13 8.60
C LEU B 152 20.21 -1.57 8.85
N SER B 153 18.95 -1.93 8.60
CA SER B 153 18.47 -3.29 8.78
C SER B 153 17.82 -3.75 7.43
N SER B 154 18.57 -3.68 6.34
CA SER B 154 18.00 -4.02 5.01
C SER B 154 17.58 -5.49 4.89
N ALA B 155 18.36 -6.38 5.49
CA ALA B 155 18.04 -7.79 5.45
C ALA B 155 16.76 -8.10 6.16
N TYR B 156 16.59 -7.52 7.35
CA TYR B 156 15.37 -7.68 8.11
C TYR B 156 14.14 -7.20 7.30
N THR B 157 14.26 -5.99 6.77
CA THR B 157 13.18 -5.37 5.97
C THR B 157 12.80 -6.23 4.77
N SER B 158 13.82 -6.71 4.07
CA SER B 158 13.64 -7.50 2.84
C SER B 158 12.95 -8.81 3.18
N ALA B 159 13.39 -9.44 4.26
CA ALA B 159 12.78 -10.70 4.72
C ALA B 159 11.34 -10.50 5.15
N LYS B 160 11.05 -9.44 5.90
CA LYS B 160 9.70 -9.25 6.37
C LYS B 160 8.74 -8.82 5.23
N HIS B 161 9.25 -8.05 4.27
CA HIS B 161 8.50 -7.79 3.01
C HIS B 161 8.16 -9.13 2.34
N ALA B 162 9.16 -9.98 2.17
CA ALA B 162 8.94 -11.32 1.61
C ALA B 162 7.88 -12.13 2.35
N VAL B 163 7.87 -12.07 3.68
CA VAL B 163 6.84 -12.72 4.48
C VAL B 163 5.41 -12.23 4.14
N VAL B 164 5.25 -10.92 3.91
CA VAL B 164 3.96 -10.39 3.54
C VAL B 164 3.56 -10.98 2.17
N GLY B 165 4.52 -11.04 1.25
CA GLY B 165 4.23 -11.58 -0.10
C GLY B 165 3.85 -13.06 -0.06
N LEU B 166 4.66 -13.82 0.65
CA LEU B 166 4.32 -15.24 0.94
C LEU B 166 2.91 -15.42 1.47
N THR B 167 2.57 -14.60 2.47
CA THR B 167 1.27 -14.70 3.09
C THR B 167 0.11 -14.45 2.12
N LYS B 168 0.24 -13.42 1.30
CA LYS B 168 -0.72 -13.18 0.24
C LYS B 168 -0.86 -14.44 -0.64
N ASN B 169 0.27 -15.03 -1.02
CA ASN B 169 0.23 -16.19 -1.92
C ASN B 169 -0.52 -17.35 -1.31
N ILE B 170 -0.21 -17.64 -0.05
CA ILE B 170 -0.82 -18.76 0.63
C ILE B 170 -2.33 -18.52 0.83
N GLY B 171 -2.70 -17.32 1.28
CA GLY B 171 -4.11 -17.01 1.44
C GLY B 171 -4.90 -17.27 0.16
N ALA B 172 -4.35 -16.82 -0.95
CA ALA B 172 -5.04 -16.90 -2.23
C ALA B 172 -5.07 -18.33 -2.71
N GLU B 173 -3.93 -19.02 -2.62
CA GLU B 173 -3.83 -20.43 -3.05
C GLU B 173 -4.73 -21.40 -2.31
N TYR B 174 -4.90 -21.19 -1.00
CA TYR B 174 -5.61 -22.10 -0.13
C TYR B 174 -6.98 -21.60 0.30
N GLY B 175 -7.52 -20.58 -0.36
CA GLY B 175 -8.78 -19.98 0.06
C GLY B 175 -9.95 -20.99 0.00
N GLN B 176 -9.94 -21.90 -0.96
CA GLN B 176 -11.00 -22.94 -0.97
C GLN B 176 -10.56 -24.30 -0.40
N LYS B 177 -9.52 -24.29 0.42
CA LYS B 177 -9.02 -25.51 1.03
C LYS B 177 -9.02 -25.45 2.54
N ASN B 178 -9.99 -24.70 3.09
CA ASN B 178 -10.20 -24.53 4.53
C ASN B 178 -8.95 -24.14 5.32
N ILE B 179 -8.09 -23.36 4.68
CA ILE B 179 -6.88 -22.87 5.27
C ILE B 179 -6.89 -21.35 5.10
N ARG B 180 -6.61 -20.66 6.18
CA ARG B 180 -6.40 -19.19 6.18
C ARG B 180 -4.95 -18.89 6.58
N CYS B 181 -4.42 -17.79 6.06
CA CYS B 181 -3.06 -17.38 6.35
C CYS B 181 -3.02 -15.88 6.31
N ASN B 182 -2.59 -15.26 7.42
CA ASN B 182 -2.48 -13.80 7.49
C ASN B 182 -1.17 -13.45 8.19
N ALA B 183 -0.76 -12.18 8.05
CA ALA B 183 0.52 -11.70 8.57
C ALA B 183 0.28 -10.58 9.56
N VAL B 184 1.06 -10.55 10.64
CA VAL B 184 0.94 -9.53 11.68
C VAL B 184 2.13 -8.57 11.58
N GLY B 185 1.85 -7.27 11.66
CA GLY B 185 2.91 -6.25 11.54
C GLY B 185 3.10 -5.40 12.79
N PRO B 186 3.86 -5.90 13.80
CA PRO B 186 4.12 -5.07 14.97
C PRO B 186 5.12 -3.95 14.71
N ALA B 187 4.94 -2.83 15.42
CA ALA B 187 5.97 -1.81 15.43
C ALA B 187 6.97 -2.18 16.55
N TYR B 188 7.55 -1.17 17.19
CA TYR B 188 8.52 -1.42 18.29
C TYR B 188 7.77 -1.76 19.59
N ILE B 189 8.36 -2.71 20.33
CA ILE B 189 7.76 -3.38 21.45
C ILE B 189 8.71 -3.18 22.67
N GLU B 190 8.10 -3.14 23.86
CA GLU B 190 8.83 -3.11 25.12
C GLU B 190 9.50 -4.44 25.33
N THR B 191 10.74 -4.38 25.79
CA THR B 191 11.46 -5.57 26.21
C THR B 191 12.12 -5.26 27.59
N PRO B 192 12.56 -6.31 28.30
CA PRO B 192 13.22 -6.14 29.61
C PRO B 192 14.31 -5.06 29.65
N LEU B 193 15.12 -4.99 28.57
CA LEU B 193 16.25 -4.06 28.49
C LEU B 193 15.86 -2.59 28.60
N LEU B 194 14.72 -2.24 28.00
CA LEU B 194 14.26 -0.86 27.90
C LEU B 194 14.19 -0.15 29.25
N GLU B 195 13.66 -0.85 30.26
CA GLU B 195 13.58 -0.32 31.61
C GLU B 195 14.94 0.14 32.17
N SER B 196 16.04 -0.43 31.65
CA SER B 196 17.40 -0.14 32.17
C SER B 196 18.02 1.14 31.60
N LEU B 197 17.41 1.69 30.57
CA LEU B 197 18.01 2.78 29.81
C LEU B 197 17.65 4.12 30.38
N THR B 198 18.46 5.11 30.07
CA THR B 198 18.11 6.47 30.41
C THR B 198 16.92 6.92 29.56
N LYS B 199 16.18 7.84 30.14
CA LYS B 199 15.03 8.48 29.52
C LYS B 199 15.18 8.69 27.99
N GLU B 200 16.29 9.32 27.61
CA GLU B 200 16.49 9.76 26.22
C GLU B 200 16.54 8.55 25.27
N MET B 201 17.17 7.47 25.71
CA MET B 201 17.27 6.25 24.90
C MET B 201 15.88 5.58 24.63
N LYS B 202 14.97 5.58 25.62
CA LYS B 202 13.58 5.03 25.42
C LYS B 202 12.77 5.92 24.50
N GLU B 203 12.84 7.21 24.78
CA GLU B 203 12.03 8.17 24.04
C GLU B 203 12.37 8.26 22.54
N ALA B 204 13.56 7.77 22.18
CA ALA B 204 14.06 7.72 20.79
C ALA B 204 13.07 7.06 19.83
N LEU B 205 12.59 5.89 20.22
CA LEU B 205 11.64 5.14 19.42
C LEU B 205 10.24 5.61 19.68
N ILE B 206 9.97 6.02 20.91
CA ILE B 206 8.62 6.36 21.32
C ILE B 206 8.03 7.45 20.42
N SER B 207 8.84 8.44 20.04
CA SER B 207 8.37 9.56 19.20
C SER B 207 7.90 9.18 17.77
N LYS B 208 8.31 8.01 17.28
CA LYS B 208 7.87 7.50 15.99
C LYS B 208 6.51 6.79 16.05
N HIS B 209 5.97 6.62 17.25
CA HIS B 209 4.67 6.03 17.47
C HIS B 209 3.72 7.11 17.90
N PRO B 210 2.70 7.42 17.08
CA PRO B 210 1.69 8.35 17.52
C PRO B 210 1.03 8.08 18.86
N MET B 211 0.94 6.83 19.29
CA MET B 211 0.34 6.52 20.56
C MET B 211 1.24 6.92 21.75
N GLY B 212 2.48 7.33 21.50
CA GLY B 212 3.36 7.89 22.56
C GLY B 212 3.94 6.85 23.49
N ARG B 213 3.89 5.58 23.11
CA ARG B 213 4.51 4.51 23.86
C ARG B 213 4.83 3.42 22.87
N LEU B 214 5.64 2.48 23.32
CA LEU B 214 5.90 1.27 22.60
C LEU B 214 4.81 0.29 22.92
N GLY B 215 4.70 -0.73 22.07
CA GLY B 215 3.73 -1.77 22.29
C GLY B 215 4.21 -2.76 23.31
N LYS B 216 3.27 -3.52 23.84
CA LYS B 216 3.56 -4.62 24.72
C LYS B 216 3.38 -5.89 23.93
N PRO B 217 4.21 -6.91 24.20
CA PRO B 217 4.08 -8.17 23.49
C PRO B 217 2.69 -8.80 23.61
N GLU B 218 2.01 -8.63 24.74
CA GLU B 218 0.64 -9.13 24.88
C GLU B 218 -0.37 -8.49 23.89
N GLU B 219 -0.14 -7.22 23.54
CA GLU B 219 -1.00 -6.49 22.61
C GLU B 219 -0.85 -7.05 21.16
N VAL B 220 0.35 -7.45 20.81
CA VAL B 220 0.57 -8.20 19.57
C VAL B 220 -0.08 -9.57 19.60
N ALA B 221 0.03 -10.30 20.73
CA ALA B 221 -0.58 -11.64 20.83
C ALA B 221 -2.11 -11.61 20.71
N GLU B 222 -2.72 -10.57 21.22
CA GLU B 222 -4.17 -10.40 21.10
C GLU B 222 -4.64 -10.38 19.60
N LEU B 223 -3.86 -9.76 18.75
CA LEU B 223 -4.21 -9.71 17.30
C LEU B 223 -3.90 -11.06 16.70
N VAL B 224 -2.77 -11.65 17.08
CA VAL B 224 -2.44 -13.02 16.62
C VAL B 224 -3.54 -14.02 17.04
N LEU B 225 -3.99 -13.92 18.29
CA LEU B 225 -5.10 -14.77 18.75
C LEU B 225 -6.35 -14.56 17.89
N PHE B 226 -6.72 -13.30 17.66
CA PHE B 226 -7.91 -12.99 16.85
C PHE B 226 -7.81 -13.67 15.50
N LEU B 227 -6.67 -13.49 14.86
CA LEU B 227 -6.43 -14.04 13.51
C LEU B 227 -6.27 -15.55 13.47
N SER B 228 -6.01 -16.15 14.64
CA SER B 228 -5.96 -17.60 14.80
C SER B 228 -7.28 -18.32 15.06
N SER B 229 -8.33 -17.59 15.45
CA SER B 229 -9.62 -18.15 15.88
C SER B 229 -10.63 -18.01 14.78
N GLU B 230 -11.80 -18.60 14.95
CA GLU B 230 -12.96 -18.50 14.01
C GLU B 230 -13.57 -17.10 13.84
N LYS B 231 -13.31 -16.23 14.81
CA LYS B 231 -13.74 -14.84 14.74
C LYS B 231 -13.28 -14.18 13.44
N SER B 232 -12.10 -14.57 12.94
CA SER B 232 -11.55 -13.99 11.72
C SER B 232 -11.80 -14.86 10.52
N SER B 233 -12.94 -15.53 10.49
CA SER B 233 -13.21 -16.56 9.46
C SER B 233 -13.28 -16.06 8.01
N PHE B 234 -13.46 -14.76 7.77
CA PHE B 234 -13.40 -14.29 6.39
C PHE B 234 -12.15 -13.43 6.12
N MET B 235 -11.11 -13.64 6.91
CA MET B 235 -9.87 -12.90 6.77
C MET B 235 -8.79 -13.83 6.33
N THR B 236 -8.22 -13.56 5.17
CA THR B 236 -7.10 -14.35 4.63
C THR B 236 -6.28 -13.58 3.64
N GLY B 237 -4.99 -13.94 3.54
CA GLY B 237 -4.02 -13.30 2.71
C GLY B 237 -3.66 -11.87 3.10
N GLY B 238 -4.05 -11.42 4.27
CA GLY B 238 -3.92 -10.02 4.63
C GLY B 238 -2.80 -9.73 5.58
N TYR B 239 -2.44 -8.46 5.61
CA TYR B 239 -1.42 -7.90 6.51
C TYR B 239 -2.12 -6.99 7.49
N TYR B 240 -1.84 -7.22 8.76
CA TYR B 240 -2.54 -6.57 9.86
C TYR B 240 -1.58 -5.89 10.84
N LEU B 241 -1.65 -4.56 10.88
CA LEU B 241 -0.80 -3.74 11.73
C LEU B 241 -1.19 -3.81 13.22
N VAL B 242 -0.17 -3.80 14.06
CA VAL B 242 -0.36 -3.49 15.49
C VAL B 242 0.79 -2.58 15.79
N ASP B 243 0.61 -1.31 15.40
CA ASP B 243 1.74 -0.45 15.25
C ASP B 243 1.67 0.84 16.01
N GLY B 244 0.65 1.05 16.81
CA GLY B 244 0.57 2.33 17.53
C GLY B 244 0.46 3.57 16.65
N GLY B 245 0.03 3.42 15.40
CA GLY B 245 -0.01 4.53 14.43
C GLY B 245 1.26 4.76 13.61
N TYR B 246 2.31 3.95 13.83
CA TYR B 246 3.61 4.24 13.21
C TYR B 246 3.51 4.49 11.72
N THR B 247 2.82 3.58 11.01
CA THR B 247 2.76 3.64 9.55
C THR B 247 1.65 4.52 9.03
N ALA B 248 0.81 5.07 9.91
CA ALA B 248 -0.16 6.06 9.47
C ALA B 248 0.40 7.38 8.99
N VAL B 249 1.65 7.69 9.35
CA VAL B 249 2.28 8.95 8.98
C VAL B 249 3.59 8.69 8.24
N GLY C 2 21.60 13.43 -25.89
CA GLY C 2 21.57 12.22 -24.99
C GLY C 2 21.51 12.47 -23.49
N ILE C 3 20.46 11.98 -22.81
CA ILE C 3 20.23 12.35 -21.39
C ILE C 3 21.10 11.61 -20.37
N LEU C 4 21.79 10.56 -20.79
CA LEU C 4 22.78 9.89 -19.96
C LEU C 4 24.19 10.02 -20.53
N ASP C 5 24.48 11.16 -21.15
CA ASP C 5 25.71 11.31 -21.92
C ASP C 5 26.87 11.20 -20.97
N ASN C 6 27.80 10.31 -21.33
CA ASN C 6 29.01 10.01 -20.55
C ASN C 6 28.80 9.28 -19.21
N LYS C 7 27.58 8.85 -18.92
CA LYS C 7 27.34 8.07 -17.72
C LYS C 7 27.71 6.64 -18.03
N VAL C 8 28.25 5.93 -17.03
CA VAL C 8 28.53 4.50 -17.13
C VAL C 8 27.40 3.70 -16.48
N ALA C 9 26.76 2.84 -17.27
CA ALA C 9 25.55 2.14 -16.82
C ALA C 9 25.73 0.61 -16.88
N LEU C 10 25.42 -0.09 -15.78
CA LEU C 10 25.45 -1.54 -15.76
C LEU C 10 24.03 -2.09 -15.85
N VAL C 11 23.82 -3.12 -16.67
CA VAL C 11 22.51 -3.80 -16.70
C VAL C 11 22.77 -5.27 -16.54
N THR C 12 22.14 -5.93 -15.58
CA THR C 12 22.23 -7.41 -15.49
C THR C 12 21.11 -8.09 -16.23
N GLY C 13 21.34 -9.36 -16.62
CA GLY C 13 20.39 -10.10 -17.42
C GLY C 13 20.04 -9.31 -18.67
N ALA C 14 21.05 -8.74 -19.32
CA ALA C 14 20.85 -7.80 -20.44
C ALA C 14 20.89 -8.44 -21.84
N GLY C 15 20.99 -9.78 -21.87
CA GLY C 15 21.00 -10.52 -23.13
C GLY C 15 19.68 -10.62 -23.84
N SER C 16 18.59 -10.33 -23.14
CA SER C 16 17.26 -10.47 -23.75
C SER C 16 16.20 -9.76 -22.93
N GLY C 17 14.99 -9.68 -23.50
CA GLY C 17 13.78 -9.20 -22.79
C GLY C 17 13.94 -7.79 -22.28
N ILE C 18 13.50 -7.55 -21.04
CA ILE C 18 13.54 -6.22 -20.49
C ILE C 18 14.97 -5.67 -20.40
N GLY C 19 15.86 -6.48 -19.83
CA GLY C 19 17.27 -6.10 -19.71
C GLY C 19 17.92 -5.65 -21.00
N LEU C 20 17.66 -6.36 -22.09
CA LEU C 20 18.17 -5.94 -23.41
C LEU C 20 17.61 -4.55 -23.82
N ALA C 21 16.32 -4.35 -23.59
CA ALA C 21 15.69 -3.09 -23.95
C ALA C 21 16.23 -1.93 -23.11
N VAL C 22 16.45 -2.18 -21.80
CA VAL C 22 17.08 -1.21 -20.93
C VAL C 22 18.49 -0.86 -21.45
N ALA C 23 19.28 -1.89 -21.77
CA ALA C 23 20.66 -1.65 -22.29
C ALA C 23 20.64 -0.76 -23.58
N HIS C 24 19.74 -1.10 -24.50
CA HIS C 24 19.54 -0.31 -25.74
C HIS C 24 19.11 1.11 -25.42
N SER C 25 18.23 1.28 -24.42
CA SER C 25 17.73 2.61 -24.10
C SER C 25 18.84 3.45 -23.50
N TYR C 26 19.56 2.86 -22.55
CA TYR C 26 20.70 3.51 -21.92
C TYR C 26 21.73 3.96 -22.97
N ALA C 27 22.04 3.06 -23.90
CA ALA C 27 23.10 3.30 -24.91
C ALA C 27 22.67 4.41 -25.88
N LYS C 28 21.41 4.36 -26.31
CA LYS C 28 20.82 5.33 -27.20
C LYS C 28 20.91 6.71 -26.60
N GLU C 29 20.80 6.79 -25.28
CA GLU C 29 20.91 8.05 -24.57
C GLU C 29 22.33 8.42 -24.15
N GLY C 30 23.35 7.75 -24.70
CA GLY C 30 24.71 8.20 -24.56
C GLY C 30 25.50 7.56 -23.45
N ALA C 31 24.90 6.63 -22.71
CA ALA C 31 25.60 5.92 -21.68
C ALA C 31 26.60 4.97 -22.29
N LYS C 32 27.72 4.80 -21.62
CA LYS C 32 28.61 3.65 -21.87
C LYS C 32 28.04 2.47 -21.08
N VAL C 33 27.56 1.44 -21.78
CA VAL C 33 26.83 0.33 -21.14
C VAL C 33 27.64 -0.95 -20.93
N ILE C 34 27.65 -1.47 -19.72
CA ILE C 34 28.10 -2.82 -19.47
C ILE C 34 26.90 -3.71 -19.55
N VAL C 35 26.85 -4.53 -20.58
CA VAL C 35 25.86 -5.56 -20.73
C VAL C 35 26.38 -6.73 -19.93
N SER C 36 25.64 -7.15 -18.90
CA SER C 36 25.96 -8.38 -18.21
C SER C 36 24.89 -9.42 -18.41
N ASP C 37 25.30 -10.68 -18.55
CA ASP C 37 24.39 -11.80 -18.66
C ASP C 37 25.17 -13.04 -18.27
N ILE C 38 24.46 -14.06 -17.84
CA ILE C 38 25.05 -15.39 -17.67
C ILE C 38 25.37 -16.06 -19.03
N ASN C 39 24.69 -15.68 -20.10
CA ASN C 39 24.86 -16.29 -21.42
C ASN C 39 25.73 -15.41 -22.33
N GLU C 40 26.92 -15.92 -22.64
CA GLU C 40 27.95 -15.14 -23.39
C GLU C 40 27.46 -14.81 -24.80
N ASP C 41 26.82 -15.77 -25.42
CA ASP C 41 26.34 -15.62 -26.79
C ASP C 41 25.30 -14.53 -26.87
N HIS C 42 24.37 -14.52 -25.90
CA HIS C 42 23.38 -13.44 -25.82
C HIS C 42 24.01 -12.10 -25.49
N GLY C 43 24.92 -12.11 -24.52
CA GLY C 43 25.58 -10.88 -24.13
C GLY C 43 26.38 -10.25 -25.26
N ASN C 44 27.21 -11.03 -25.93
CA ASN C 44 28.00 -10.52 -27.04
C ASN C 44 27.15 -10.03 -28.17
N LYS C 45 26.10 -10.76 -28.48
CA LYS C 45 25.15 -10.33 -29.49
C LYS C 45 24.46 -8.97 -29.17
N ALA C 46 24.07 -8.77 -27.91
CA ALA C 46 23.50 -7.49 -27.50
C ALA C 46 24.51 -6.36 -27.71
N VAL C 47 25.76 -6.58 -27.34
CA VAL C 47 26.80 -5.58 -27.56
C VAL C 47 26.93 -5.23 -29.05
N GLU C 48 26.98 -6.24 -29.89
CA GLU C 48 27.04 -6.04 -31.36
C GLU C 48 25.83 -5.23 -31.85
N ASP C 49 24.64 -5.55 -31.36
CA ASP C 49 23.42 -4.81 -31.75
C ASP C 49 23.41 -3.38 -31.27
N ILE C 50 23.87 -3.17 -30.04
CA ILE C 50 24.03 -1.82 -29.51
C ILE C 50 25.06 -0.99 -30.27
N LYS C 51 26.24 -1.57 -30.53
CA LYS C 51 27.28 -0.90 -31.37
C LYS C 51 26.75 -0.54 -32.77
N ALA C 52 25.97 -1.45 -33.37
CA ALA C 52 25.35 -1.23 -34.70
C ALA C 52 24.41 -0.02 -34.78
N GLN C 53 23.67 0.26 -33.71
CA GLN C 53 22.84 1.48 -33.63
C GLN C 53 23.67 2.74 -33.41
N GLY C 54 24.94 2.63 -33.01
CA GLY C 54 25.76 3.80 -32.70
C GLY C 54 26.12 3.98 -31.23
N GLY C 55 25.82 2.97 -30.40
CA GLY C 55 26.09 3.06 -28.98
C GLY C 55 27.44 2.52 -28.57
N GLU C 56 27.79 2.74 -27.29
CA GLU C 56 29.00 2.21 -26.68
C GLU C 56 28.62 1.15 -25.62
N ALA C 57 29.16 -0.06 -25.76
CA ALA C 57 28.87 -1.12 -24.82
C ALA C 57 29.96 -2.16 -24.76
N SER C 58 30.03 -2.87 -23.66
CA SER C 58 30.93 -4.04 -23.57
C SER C 58 30.21 -5.09 -22.78
N PHE C 59 30.61 -6.34 -23.00
CA PHE C 59 30.02 -7.50 -22.32
C PHE C 59 30.87 -7.94 -21.16
N VAL C 60 30.24 -8.13 -20.01
CA VAL C 60 30.87 -8.82 -18.89
C VAL C 60 29.93 -9.91 -18.40
N LYS C 61 30.44 -11.15 -18.51
CA LYS C 61 29.71 -12.34 -18.06
C LYS C 61 29.58 -12.34 -16.55
N ALA C 62 28.40 -12.66 -16.05
CA ALA C 62 28.19 -12.76 -14.62
C ALA C 62 26.93 -13.54 -14.27
N ASP C 63 27.07 -14.44 -13.29
CA ASP C 63 25.92 -15.04 -12.62
C ASP C 63 25.61 -14.22 -11.38
N THR C 64 24.43 -13.58 -11.33
CA THR C 64 24.13 -12.70 -10.18
C THR C 64 23.93 -13.41 -8.83
N SER C 65 23.69 -14.70 -8.83
CA SER C 65 23.56 -15.44 -7.56
C SER C 65 24.91 -15.71 -6.85
N ASN C 66 26.01 -15.53 -7.56
CA ASN C 66 27.35 -15.61 -7.01
C ASN C 66 27.90 -14.21 -6.65
N PRO C 67 27.99 -13.90 -5.35
CA PRO C 67 28.44 -12.56 -4.99
C PRO C 67 29.87 -12.21 -5.47
N GLU C 68 30.76 -13.19 -5.62
CA GLU C 68 32.12 -12.86 -6.12
C GLU C 68 32.12 -12.39 -7.56
N GLU C 69 31.28 -13.03 -8.37
CA GLU C 69 31.05 -12.66 -9.74
C GLU C 69 30.44 -11.29 -9.84
N VAL C 70 29.50 -10.97 -8.93
CA VAL C 70 28.93 -9.63 -8.89
C VAL C 70 29.97 -8.58 -8.49
N GLU C 71 30.74 -8.83 -7.42
CA GLU C 71 31.91 -7.99 -7.11
C GLU C 71 32.82 -7.76 -8.32
N ALA C 72 33.19 -8.85 -8.97
CA ALA C 72 34.09 -8.79 -10.15
C ALA C 72 33.48 -7.98 -11.32
N LEU C 73 32.18 -8.17 -11.57
CA LEU C 73 31.40 -7.40 -12.54
C LEU C 73 31.54 -5.91 -12.33
N VAL C 74 31.41 -5.47 -11.08
CA VAL C 74 31.54 -4.05 -10.83
C VAL C 74 33.03 -3.63 -11.01
N LYS C 75 33.95 -4.41 -10.41
CA LYS C 75 35.41 -4.15 -10.57
C LYS C 75 35.74 -3.99 -12.07
N ARG C 76 35.22 -4.89 -12.90
CA ARG C 76 35.50 -4.90 -14.31
C ARG C 76 34.89 -3.68 -15.03
N THR C 77 33.69 -3.26 -14.61
CA THR C 77 33.04 -2.06 -15.16
C THR C 77 33.95 -0.82 -15.01
N VAL C 78 34.54 -0.71 -13.82
CA VAL C 78 35.45 0.36 -13.44
C VAL C 78 36.76 0.29 -14.24
N GLU C 79 37.28 -0.92 -14.44
CA GLU C 79 38.43 -1.17 -15.35
C GLU C 79 38.14 -0.74 -16.79
N ILE C 80 36.94 -1.02 -17.28
CA ILE C 80 36.62 -0.69 -18.66
C ILE C 80 36.30 0.78 -18.82
N TYR C 81 35.44 1.32 -17.97
CA TYR C 81 34.91 2.68 -18.19
C TYR C 81 35.21 3.68 -17.09
N GLY C 82 35.97 3.27 -16.08
CA GLY C 82 36.50 4.21 -15.08
C GLY C 82 35.66 4.46 -13.83
N ARG C 83 34.37 4.13 -13.86
CA ARG C 83 33.45 4.55 -12.81
C ARG C 83 32.14 3.73 -12.97
N LEU C 84 31.23 3.93 -12.04
CA LEU C 84 29.84 3.38 -12.19
C LEU C 84 28.84 4.40 -11.69
N ASP C 85 27.98 4.86 -12.60
CA ASP C 85 26.98 5.90 -12.32
C ASP C 85 25.55 5.35 -12.16
N ILE C 86 25.21 4.35 -12.97
CA ILE C 86 23.85 3.81 -13.08
C ILE C 86 23.91 2.30 -13.06
N ALA C 87 23.01 1.65 -12.35
CA ALA C 87 22.94 0.18 -12.41
C ALA C 87 21.52 -0.23 -12.41
N CYS C 88 21.16 -1.21 -13.26
CA CYS C 88 19.84 -1.78 -13.26
C CYS C 88 19.94 -3.25 -12.97
N ASN C 89 19.44 -3.66 -11.82
CA ASN C 89 19.46 -5.07 -11.38
C ASN C 89 18.24 -5.82 -11.87
N ASN C 90 18.40 -6.46 -13.01
CA ASN C 90 17.30 -6.99 -13.82
C ASN C 90 17.23 -8.50 -13.91
N ALA C 91 18.36 -9.21 -13.81
CA ALA C 91 18.40 -10.66 -14.01
C ALA C 91 17.46 -11.29 -13.01
N GLY C 92 16.64 -12.19 -13.50
CA GLY C 92 15.66 -12.87 -12.69
C GLY C 92 15.27 -14.15 -13.38
N ILE C 93 14.60 -15.02 -12.61
CA ILE C 93 13.93 -16.21 -13.12
C ILE C 93 12.53 -16.36 -12.53
N GLY C 94 11.71 -17.18 -13.19
CA GLY C 94 10.31 -17.31 -12.77
C GLY C 94 10.06 -18.44 -11.82
N GLY C 95 10.83 -19.52 -12.00
CA GLY C 95 10.81 -20.62 -11.07
C GLY C 95 9.67 -21.58 -11.23
N GLU C 96 9.74 -22.61 -10.42
CA GLU C 96 8.79 -23.70 -10.44
C GLU C 96 7.39 -23.15 -10.15
N GLN C 97 6.37 -23.74 -10.73
CA GLN C 97 4.95 -23.43 -10.44
C GLN C 97 4.28 -24.56 -9.66
N ALA C 98 3.98 -24.31 -8.39
CA ALA C 98 3.39 -25.30 -7.49
C ALA C 98 2.74 -24.57 -6.32
N LEU C 99 1.81 -25.23 -5.64
CA LEU C 99 1.24 -24.69 -4.38
C LEU C 99 2.34 -24.46 -3.37
N ALA C 100 2.19 -23.47 -2.50
CA ALA C 100 3.25 -23.19 -1.50
C ALA C 100 3.62 -24.47 -0.71
N GLY C 101 2.61 -25.19 -0.23
CA GLY C 101 2.85 -26.45 0.51
C GLY C 101 3.56 -27.56 -0.30
N ASP C 102 3.53 -27.47 -1.63
CA ASP C 102 4.20 -28.40 -2.53
C ASP C 102 5.49 -27.86 -3.17
N TYR C 103 5.92 -26.66 -2.80
CA TYR C 103 7.00 -25.98 -3.48
C TYR C 103 8.29 -26.69 -3.05
N GLY C 104 9.14 -27.02 -4.03
CA GLY C 104 10.48 -27.61 -3.74
C GLY C 104 11.40 -26.71 -2.93
N LEU C 105 12.15 -27.33 -2.02
CA LEU C 105 13.11 -26.61 -1.21
C LEU C 105 14.18 -25.99 -2.07
N ASP C 106 14.68 -26.76 -3.03
CA ASP C 106 15.68 -26.25 -3.99
C ASP C 106 15.17 -25.12 -4.88
N SER C 107 13.99 -25.31 -5.45
CA SER C 107 13.37 -24.30 -6.27
C SER C 107 13.20 -22.98 -5.52
N TRP C 108 12.65 -23.05 -4.31
CA TRP C 108 12.50 -21.88 -3.44
C TRP C 108 13.83 -21.17 -3.34
N ARG C 109 14.87 -21.91 -2.92
CA ARG C 109 16.19 -21.30 -2.73
C ARG C 109 16.75 -20.71 -4.04
N LYS C 110 16.54 -21.40 -5.17
CA LYS C 110 17.07 -20.95 -6.45
C LYS C 110 16.41 -19.62 -6.87
N VAL C 111 15.09 -19.54 -6.72
CA VAL C 111 14.34 -18.30 -7.06
C VAL C 111 14.80 -17.17 -6.16
N LEU C 112 14.83 -17.40 -4.84
CA LEU C 112 15.31 -16.38 -3.92
C LEU C 112 16.76 -15.99 -4.13
N SER C 113 17.56 -16.96 -4.51
CA SER C 113 18.97 -16.67 -4.73
C SER C 113 19.23 -15.69 -5.89
N ILE C 114 18.53 -15.90 -7.00
CA ILE C 114 18.66 -15.04 -8.16
C ILE C 114 17.84 -13.75 -8.00
N ASN C 115 16.56 -13.90 -7.62
CA ASN C 115 15.66 -12.77 -7.61
C ASN C 115 15.84 -11.82 -6.45
N LEU C 116 16.30 -12.31 -5.30
CA LEU C 116 16.55 -11.42 -4.22
C LEU C 116 18.04 -11.31 -3.98
N ASP C 117 18.72 -12.41 -3.63
CA ASP C 117 20.12 -12.30 -3.26
C ASP C 117 20.98 -11.62 -4.32
N GLY C 118 20.73 -11.89 -5.61
CA GLY C 118 21.48 -11.29 -6.69
C GLY C 118 21.24 -9.82 -6.80
N VAL C 119 20.00 -9.42 -6.57
CA VAL C 119 19.70 -8.01 -6.47
C VAL C 119 20.46 -7.36 -5.28
N PHE C 120 20.43 -7.96 -4.09
CA PHE C 120 21.21 -7.41 -2.96
C PHE C 120 22.71 -7.35 -3.28
N TYR C 121 23.27 -8.43 -3.82
CA TYR C 121 24.73 -8.43 -4.16
C TYR C 121 25.04 -7.31 -5.12
N GLY C 122 24.18 -7.15 -6.13
CA GLY C 122 24.30 -6.05 -7.06
C GLY C 122 24.34 -4.70 -6.39
N CYS C 123 23.28 -4.39 -5.62
CA CYS C 123 23.21 -3.16 -4.86
C CYS C 123 24.44 -2.99 -3.94
N LYS C 124 24.84 -4.03 -3.20
CA LYS C 124 26.00 -3.98 -2.32
C LYS C 124 27.27 -3.46 -3.03
N TYR C 125 27.66 -4.13 -4.11
CA TYR C 125 28.90 -3.78 -4.82
C TYR C 125 28.74 -2.52 -5.69
N GLU C 126 27.52 -2.28 -6.17
CA GLU C 126 27.22 -1.00 -6.85
C GLU C 126 27.32 0.21 -5.95
N LEU C 127 26.66 0.15 -4.79
CA LEU C 127 26.74 1.23 -3.81
C LEU C 127 28.20 1.44 -3.36
N GLU C 128 28.93 0.37 -3.18
CA GLU C 128 30.34 0.48 -2.77
C GLU C 128 31.16 1.29 -3.78
N GLN C 129 30.93 1.10 -5.08
CA GLN C 129 31.59 1.86 -6.14
C GLN C 129 31.05 3.29 -6.31
N MET C 130 29.72 3.44 -6.27
CA MET C 130 29.12 4.75 -6.41
C MET C 130 29.59 5.68 -5.27
N GLU C 131 29.80 5.16 -4.07
CA GLU C 131 30.40 5.97 -2.99
C GLU C 131 31.86 6.40 -3.26
N LYS C 132 32.58 5.68 -4.12
CA LYS C 132 33.92 6.13 -4.57
C LYS C 132 33.82 7.17 -5.68
N ASN C 133 32.74 7.16 -6.48
CA ASN C 133 32.67 8.13 -7.57
C ASN C 133 31.55 9.16 -7.51
N GLY C 134 31.25 9.60 -6.29
CA GLY C 134 30.38 10.75 -6.02
C GLY C 134 28.88 10.45 -6.17
N GLY C 135 28.54 9.17 -6.19
CA GLY C 135 27.15 8.75 -6.11
C GLY C 135 26.74 7.99 -7.35
N GLY C 136 25.42 7.88 -7.51
CA GLY C 136 24.83 7.27 -8.69
C GLY C 136 23.38 6.94 -8.48
N VAL C 137 22.83 6.14 -9.39
CA VAL C 137 21.39 5.80 -9.35
C VAL C 137 21.25 4.29 -9.62
N ILE C 138 20.41 3.63 -8.87
CA ILE C 138 20.11 2.21 -9.06
C ILE C 138 18.64 2.02 -9.34
N VAL C 139 18.30 1.17 -10.31
CA VAL C 139 16.92 0.72 -10.52
C VAL C 139 16.90 -0.78 -10.27
N ASN C 140 16.04 -1.22 -9.35
CA ASN C 140 15.81 -2.64 -9.14
C ASN C 140 14.57 -3.08 -9.85
N MET C 141 14.68 -4.15 -10.63
CA MET C 141 13.50 -4.70 -11.33
C MET C 141 12.74 -5.57 -10.35
N ALA C 142 11.56 -5.13 -9.92
CA ALA C 142 10.64 -5.96 -9.21
C ALA C 142 9.58 -6.52 -10.19
N SER C 143 8.31 -6.36 -9.87
CA SER C 143 7.18 -6.94 -10.62
C SER C 143 5.96 -6.41 -9.91
N ILE C 144 4.83 -6.50 -10.58
CA ILE C 144 3.55 -6.42 -9.88
C ILE C 144 3.48 -7.39 -8.72
N HIS C 145 4.18 -8.52 -8.83
CA HIS C 145 4.22 -9.44 -7.74
C HIS C 145 5.13 -9.11 -6.55
N GLY C 146 5.70 -7.91 -6.56
CA GLY C 146 6.23 -7.27 -5.36
C GLY C 146 5.15 -6.68 -4.51
N ILE C 147 3.90 -6.58 -5.00
CA ILE C 147 2.77 -6.11 -4.14
C ILE C 147 1.51 -6.95 -4.16
N VAL C 148 1.32 -7.79 -5.18
CA VAL C 148 0.18 -8.74 -5.22
C VAL C 148 0.67 -10.16 -5.51
N ALA C 149 -0.09 -11.15 -5.09
CA ALA C 149 0.32 -12.56 -5.18
C ALA C 149 0.23 -13.04 -6.64
N ALA C 150 0.98 -14.10 -6.89
CA ALA C 150 0.97 -14.82 -8.18
C ALA C 150 0.77 -16.30 -7.79
N PRO C 151 -0.47 -16.76 -7.69
CA PRO C 151 -0.74 -18.12 -7.26
C PRO C 151 0.12 -19.12 -8.02
N LEU C 152 0.70 -20.05 -7.28
CA LEU C 152 1.64 -21.07 -7.75
C LEU C 152 3.09 -20.59 -7.89
N SER C 153 3.34 -19.31 -7.66
CA SER C 153 4.68 -18.77 -7.73
C SER C 153 5.03 -18.01 -6.43
N SER C 154 4.88 -18.67 -5.28
CA SER C 154 5.13 -18.07 -3.97
C SER C 154 6.58 -17.60 -3.79
N ALA C 155 7.53 -18.36 -4.33
CA ALA C 155 8.92 -17.98 -4.21
C ALA C 155 9.15 -16.65 -4.97
N TYR C 156 8.61 -16.54 -6.17
CA TYR C 156 8.78 -15.35 -6.99
C TYR C 156 8.19 -14.15 -6.27
N THR C 157 6.94 -14.27 -5.82
CA THR C 157 6.25 -13.22 -5.13
C THR C 157 7.01 -12.76 -3.89
N SER C 158 7.47 -13.73 -3.12
CA SER C 158 8.24 -13.44 -1.92
C SER C 158 9.51 -12.68 -2.27
N ALA C 159 10.21 -13.12 -3.32
CA ALA C 159 11.48 -12.51 -3.64
C ALA C 159 11.24 -11.09 -4.15
N LYS C 160 10.21 -10.90 -4.98
CA LYS C 160 9.98 -9.53 -5.53
C LYS C 160 9.48 -8.56 -4.44
N HIS C 161 8.72 -9.07 -3.49
CA HIS C 161 8.34 -8.28 -2.30
C HIS C 161 9.59 -7.80 -1.54
N ALA C 162 10.53 -8.73 -1.33
CA ALA C 162 11.82 -8.39 -0.67
C ALA C 162 12.59 -7.31 -1.44
N VAL C 163 12.57 -7.38 -2.76
CA VAL C 163 13.20 -6.36 -3.59
C VAL C 163 12.64 -4.99 -3.31
N VAL C 164 11.31 -4.93 -3.19
CA VAL C 164 10.64 -3.70 -2.88
C VAL C 164 11.07 -3.14 -1.54
N GLY C 165 11.15 -3.99 -0.53
CA GLY C 165 11.69 -3.60 0.79
C GLY C 165 13.14 -3.19 0.77
N LEU C 166 13.97 -3.91 0.02
CA LEU C 166 15.38 -3.59 -0.13
C LEU C 166 15.52 -2.20 -0.71
N THR C 167 14.70 -1.93 -1.73
CA THR C 167 14.70 -0.61 -2.41
C THR C 167 14.36 0.51 -1.48
N LYS C 168 13.31 0.34 -0.68
CA LYS C 168 12.94 1.38 0.31
C LYS C 168 14.13 1.64 1.25
N ASN C 169 14.71 0.57 1.75
CA ASN C 169 15.89 0.68 2.62
C ASN C 169 17.07 1.44 2.06
N ILE C 170 17.41 1.14 0.83
CA ILE C 170 18.52 1.76 0.15
C ILE C 170 18.22 3.22 -0.15
N GLY C 171 17.01 3.55 -0.63
CA GLY C 171 16.68 4.93 -0.87
C GLY C 171 16.71 5.76 0.42
N ALA C 172 16.17 5.19 1.49
CA ALA C 172 16.16 5.87 2.80
C ALA C 172 17.61 6.09 3.32
N GLU C 173 18.40 5.01 3.27
CA GLU C 173 19.77 4.99 3.84
C GLU C 173 20.71 5.90 3.10
N TYR C 174 20.59 5.97 1.78
CA TYR C 174 21.56 6.72 0.94
C TYR C 174 21.05 8.09 0.48
N GLY C 175 19.96 8.58 1.08
CA GLY C 175 19.30 9.77 0.59
C GLY C 175 20.18 11.04 0.53
N GLN C 176 21.04 11.18 1.54
CA GLN C 176 21.95 12.33 1.63
C GLN C 176 23.34 11.97 1.16
N LYS C 177 23.45 10.86 0.41
CA LYS C 177 24.76 10.37 -0.07
C LYS C 177 24.81 10.30 -1.57
N ASN C 178 23.99 11.16 -2.20
CA ASN C 178 23.90 11.37 -3.63
C ASN C 178 23.64 10.13 -4.43
N ILE C 179 22.94 9.18 -3.82
CA ILE C 179 22.61 7.90 -4.45
C ILE C 179 21.08 7.77 -4.35
N ARG C 180 20.42 7.50 -5.48
CA ARG C 180 18.96 7.14 -5.47
C ARG C 180 18.77 5.69 -5.86
N CYS C 181 17.70 5.11 -5.34
CA CYS C 181 17.36 3.74 -5.63
C CYS C 181 15.84 3.64 -5.69
N ASN C 182 15.34 3.18 -6.84
CA ASN C 182 13.91 2.88 -7.04
C ASN C 182 13.69 1.49 -7.62
N ALA C 183 12.47 0.97 -7.48
CA ALA C 183 12.10 -0.30 -8.10
C ALA C 183 10.99 -0.12 -9.14
N VAL C 184 10.99 -0.99 -10.17
CA VAL C 184 10.04 -0.98 -11.26
C VAL C 184 9.21 -2.28 -11.16
N GLY C 185 7.88 -2.13 -11.28
CA GLY C 185 6.92 -3.18 -11.14
C GLY C 185 6.16 -3.41 -12.46
N PRO C 186 6.75 -4.21 -13.35
CA PRO C 186 5.99 -4.55 -14.54
C PRO C 186 4.93 -5.61 -14.34
N ALA C 187 3.85 -5.51 -15.12
CA ALA C 187 2.92 -6.61 -15.22
C ALA C 187 3.47 -7.61 -16.25
N TYR C 188 2.60 -8.22 -17.05
CA TYR C 188 3.04 -9.25 -18.03
C TYR C 188 3.46 -8.59 -19.32
N ILE C 189 4.66 -8.98 -19.76
CA ILE C 189 5.39 -8.35 -20.85
C ILE C 189 5.59 -9.37 -21.94
N GLU C 190 5.36 -8.95 -23.18
CA GLU C 190 5.55 -9.78 -24.37
C GLU C 190 6.95 -10.31 -24.42
N THR C 191 7.06 -11.64 -24.53
CA THR C 191 8.32 -12.34 -24.75
C THR C 191 8.04 -13.46 -25.75
N PRO C 192 9.09 -14.06 -26.32
CA PRO C 192 8.91 -15.25 -27.16
C PRO C 192 8.02 -16.34 -26.50
N LEU C 193 8.33 -16.67 -25.24
CA LEU C 193 7.51 -17.63 -24.44
C LEU C 193 6.01 -17.33 -24.48
N LEU C 194 5.65 -16.14 -23.98
CA LEU C 194 4.25 -15.71 -23.89
C LEU C 194 3.55 -15.75 -25.25
N GLU C 195 4.22 -15.16 -26.25
CA GLU C 195 3.75 -15.13 -27.64
C GLU C 195 3.29 -16.53 -28.12
N SER C 196 4.09 -17.55 -27.82
CA SER C 196 3.80 -18.93 -28.21
C SER C 196 2.59 -19.52 -27.49
N LEU C 197 2.50 -19.35 -26.16
CA LEU C 197 1.41 -19.92 -25.33
C LEU C 197 0.01 -19.64 -25.89
N THR C 198 -0.89 -20.62 -25.73
CA THR C 198 -2.14 -20.69 -26.56
C THR C 198 -3.06 -19.48 -26.51
N LYS C 199 -3.82 -19.31 -27.61
CA LYS C 199 -4.76 -18.21 -27.83
C LYS C 199 -5.71 -17.98 -26.65
N GLU C 200 -6.25 -19.06 -26.10
CA GLU C 200 -7.09 -18.99 -24.89
C GLU C 200 -6.37 -18.53 -23.60
N MET C 201 -5.13 -18.95 -23.37
CA MET C 201 -4.40 -18.60 -22.13
C MET C 201 -3.92 -17.15 -22.23
N LYS C 202 -3.46 -16.78 -23.42
CA LYS C 202 -2.97 -15.45 -23.68
C LYS C 202 -4.10 -14.46 -23.49
N GLU C 203 -5.31 -14.78 -23.94
CA GLU C 203 -6.50 -13.94 -23.72
C GLU C 203 -6.83 -13.80 -22.24
N ALA C 204 -6.74 -14.90 -21.50
CA ALA C 204 -7.05 -14.89 -20.07
C ALA C 204 -6.08 -13.95 -19.31
N LEU C 205 -4.81 -14.03 -19.68
CA LEU C 205 -3.80 -13.15 -19.10
C LEU C 205 -3.97 -11.65 -19.49
N ILE C 206 -4.13 -11.39 -20.78
CA ILE C 206 -4.49 -10.05 -21.29
C ILE C 206 -5.69 -9.48 -20.54
N SER C 207 -6.72 -10.30 -20.30
CA SER C 207 -7.95 -9.77 -19.72
C SER C 207 -7.75 -9.35 -18.26
N LYS C 208 -6.65 -9.74 -17.63
CA LYS C 208 -6.27 -9.19 -16.31
C LYS C 208 -5.64 -7.77 -16.34
N HIS C 209 -5.41 -7.23 -17.53
CA HIS C 209 -4.83 -5.96 -17.71
C HIS C 209 -5.90 -5.10 -18.32
N PRO C 210 -6.39 -4.09 -17.58
CA PRO C 210 -7.39 -3.14 -18.11
C PRO C 210 -7.03 -2.53 -19.44
N MET C 211 -5.74 -2.35 -19.75
CA MET C 211 -5.35 -1.82 -21.05
C MET C 211 -5.55 -2.82 -22.22
N GLY C 212 -5.84 -4.08 -21.92
CA GLY C 212 -6.32 -5.02 -22.89
C GLY C 212 -5.26 -5.53 -23.82
N ARG C 213 -4.01 -5.51 -23.36
CA ARG C 213 -2.89 -6.06 -24.06
C ARG C 213 -1.81 -6.26 -23.03
N LEU C 214 -0.80 -7.04 -23.42
CA LEU C 214 0.43 -7.10 -22.67
C LEU C 214 1.35 -5.92 -22.90
N GLY C 215 2.27 -5.72 -21.97
CA GLY C 215 3.27 -4.69 -22.11
C GLY C 215 4.39 -5.12 -23.05
N LYS C 216 5.08 -4.13 -23.59
CA LYS C 216 6.30 -4.38 -24.37
C LYS C 216 7.56 -4.08 -23.57
N PRO C 217 8.66 -4.81 -23.86
CA PRO C 217 9.88 -4.56 -23.00
C PRO C 217 10.37 -3.10 -23.10
N GLU C 218 10.24 -2.49 -24.27
CA GLU C 218 10.55 -1.05 -24.48
C GLU C 218 9.77 -0.11 -23.53
N GLU C 219 8.54 -0.47 -23.25
CA GLU C 219 7.72 0.30 -22.36
C GLU C 219 8.21 0.26 -20.92
N VAL C 220 8.72 -0.90 -20.52
CA VAL C 220 9.37 -1.00 -19.22
C VAL C 220 10.67 -0.21 -19.22
N ALA C 221 11.46 -0.38 -20.28
CA ALA C 221 12.71 0.35 -20.38
C ALA C 221 12.56 1.87 -20.28
N GLU C 222 11.50 2.44 -20.84
CA GLU C 222 11.33 3.89 -20.78
C GLU C 222 11.18 4.35 -19.30
N LEU C 223 10.49 3.54 -18.50
CA LEU C 223 10.36 3.88 -17.08
C LEU C 223 11.71 3.70 -16.41
N VAL C 224 12.41 2.61 -16.71
CA VAL C 224 13.79 2.44 -16.17
C VAL C 224 14.67 3.64 -16.52
N LEU C 225 14.67 4.02 -17.80
CA LEU C 225 15.47 5.17 -18.25
C LEU C 225 15.14 6.42 -17.47
N PHE C 226 13.86 6.77 -17.39
CA PHE C 226 13.41 7.94 -16.62
C PHE C 226 13.98 7.93 -15.21
N LEU C 227 13.82 6.79 -14.51
CA LEU C 227 14.28 6.59 -13.12
C LEU C 227 15.79 6.57 -12.95
N SER C 228 16.51 6.41 -14.05
CA SER C 228 17.97 6.35 -14.05
C SER C 228 18.59 7.71 -14.40
N SER C 229 17.75 8.62 -14.90
CA SER C 229 18.18 9.90 -15.39
C SER C 229 18.04 10.96 -14.32
N GLU C 230 18.57 12.13 -14.60
CA GLU C 230 18.44 13.26 -13.69
C GLU C 230 16.98 13.81 -13.64
N LYS C 231 16.11 13.37 -14.56
CA LYS C 231 14.73 13.84 -14.53
C LYS C 231 13.97 13.36 -13.29
N SER C 232 14.38 12.21 -12.75
CA SER C 232 13.81 11.69 -11.52
C SER C 232 14.58 12.09 -10.27
N SER C 233 15.26 13.25 -10.28
CA SER C 233 16.21 13.63 -9.16
C SER C 233 15.60 13.74 -7.76
N PHE C 234 14.28 13.92 -7.66
CA PHE C 234 13.66 13.89 -6.32
C PHE C 234 12.91 12.58 -6.02
N MET C 235 13.20 11.55 -6.79
CA MET C 235 12.53 10.24 -6.61
C MET C 235 13.51 9.22 -6.07
N THR C 236 13.23 8.70 -4.88
CA THR C 236 14.02 7.60 -4.29
C THR C 236 13.22 6.77 -3.31
N GLY C 237 13.65 5.54 -3.11
CA GLY C 237 12.94 4.59 -2.28
C GLY C 237 11.57 4.12 -2.76
N GLY C 238 11.20 4.44 -3.98
CA GLY C 238 9.85 4.20 -4.41
C GLY C 238 9.72 2.98 -5.30
N TYR C 239 8.47 2.57 -5.40
CA TYR C 239 8.05 1.52 -6.28
C TYR C 239 7.12 2.12 -7.35
N TYR C 240 7.42 1.78 -8.59
CA TYR C 240 6.81 2.44 -9.75
C TYR C 240 6.26 1.37 -10.69
N LEU C 241 4.94 1.36 -10.81
CA LEU C 241 4.26 0.40 -11.68
C LEU C 241 4.34 0.68 -13.16
N VAL C 242 4.43 -0.38 -13.94
CA VAL C 242 4.23 -0.30 -15.39
C VAL C 242 3.43 -1.56 -15.72
N ASP C 243 2.16 -1.47 -15.39
CA ASP C 243 1.30 -2.62 -15.24
C ASP C 243 0.00 -2.61 -16.06
N GLY C 244 -0.20 -1.61 -16.93
CA GLY C 244 -1.36 -1.65 -17.80
C GLY C 244 -2.66 -1.60 -17.03
N GLY C 245 -2.59 -1.11 -15.78
CA GLY C 245 -3.73 -1.12 -14.90
C GLY C 245 -4.00 -2.33 -14.04
N TYR C 246 -3.16 -3.36 -14.12
CA TYR C 246 -3.39 -4.66 -13.45
C TYR C 246 -3.71 -4.50 -11.96
N THR C 247 -2.86 -3.77 -11.27
CA THR C 247 -3.02 -3.62 -9.80
C THR C 247 -4.06 -2.61 -9.35
N ALA C 248 -4.65 -1.86 -10.29
CA ALA C 248 -5.65 -0.87 -9.96
C ALA C 248 -6.96 -1.48 -9.46
N VAL C 249 -7.23 -2.75 -9.80
CA VAL C 249 -8.47 -3.45 -9.39
C VAL C 249 -8.12 -4.68 -8.54
N GLY D 2 10.07 18.51 -29.91
CA GLY D 2 9.65 18.14 -28.53
C GLY D 2 8.63 17.02 -28.53
N ILE D 3 8.55 16.28 -27.42
CA ILE D 3 7.78 15.00 -27.35
C ILE D 3 6.25 15.17 -27.31
N LEU D 4 5.77 16.39 -27.15
CA LEU D 4 4.34 16.67 -27.17
C LEU D 4 3.94 17.53 -28.38
N ASP D 5 4.67 17.38 -29.51
CA ASP D 5 4.37 18.17 -30.72
C ASP D 5 2.98 17.85 -31.17
N ASN D 6 2.25 18.86 -31.64
CA ASN D 6 0.85 18.73 -32.08
C ASN D 6 -0.20 18.44 -30.96
N LYS D 7 0.23 18.31 -29.69
CA LYS D 7 -0.70 18.01 -28.59
C LYS D 7 -1.21 19.28 -27.93
N VAL D 8 -2.48 19.23 -27.49
CA VAL D 8 -3.07 20.24 -26.66
C VAL D 8 -3.16 19.75 -25.20
N ALA D 9 -2.65 20.58 -24.30
CA ALA D 9 -2.59 20.26 -22.88
C ALA D 9 -3.28 21.35 -22.02
N LEU D 10 -4.01 20.91 -20.99
CA LEU D 10 -4.70 21.78 -20.06
C LEU D 10 -4.04 21.57 -18.68
N VAL D 11 -3.74 22.66 -17.97
CA VAL D 11 -3.23 22.59 -16.62
C VAL D 11 -4.08 23.48 -15.71
N THR D 12 -4.62 22.92 -14.63
CA THR D 12 -5.34 23.76 -13.66
C THR D 12 -4.37 24.28 -12.61
N GLY D 13 -4.69 25.44 -12.04
CA GLY D 13 -3.86 26.08 -11.02
C GLY D 13 -2.42 26.27 -11.53
N ALA D 14 -2.32 26.69 -12.78
CA ALA D 14 -1.05 26.76 -13.47
C ALA D 14 -0.35 28.14 -13.33
N GLY D 15 -0.94 29.07 -12.55
CA GLY D 15 -0.32 30.36 -12.27
C GLY D 15 0.92 30.38 -11.39
N SER D 16 1.16 29.32 -10.61
CA SER D 16 2.31 29.30 -9.72
C SER D 16 2.71 27.86 -9.29
N GLY D 17 3.86 27.75 -8.62
CA GLY D 17 4.36 26.48 -8.03
C GLY D 17 4.40 25.33 -9.03
N ILE D 18 3.88 24.17 -8.62
CA ILE D 18 3.94 22.97 -9.46
C ILE D 18 3.20 23.13 -10.81
N GLY D 19 1.98 23.68 -10.77
CA GLY D 19 1.17 23.88 -11.98
C GLY D 19 1.90 24.68 -13.06
N LEU D 20 2.60 25.71 -12.63
CA LEU D 20 3.37 26.59 -13.52
C LEU D 20 4.54 25.86 -14.15
N ALA D 21 5.26 25.12 -13.31
CA ALA D 21 6.37 24.32 -13.76
C ALA D 21 5.91 23.26 -14.76
N VAL D 22 4.69 22.71 -14.56
CA VAL D 22 4.10 21.73 -15.46
C VAL D 22 3.73 22.44 -16.77
N ALA D 23 3.10 23.60 -16.67
CA ALA D 23 2.72 24.35 -17.87
C ALA D 23 3.96 24.68 -18.72
N HIS D 24 5.02 25.17 -18.07
CA HIS D 24 6.34 25.38 -18.72
C HIS D 24 6.89 24.10 -19.41
N SER D 25 6.94 22.95 -18.71
CA SER D 25 7.47 21.70 -19.31
C SER D 25 6.71 21.27 -20.52
N TYR D 26 5.38 21.33 -20.41
CA TYR D 26 4.53 20.93 -21.49
C TYR D 26 4.76 21.83 -22.74
N ALA D 27 4.84 23.15 -22.52
CA ALA D 27 5.11 24.13 -23.60
C ALA D 27 6.50 23.92 -24.22
N LYS D 28 7.51 23.75 -23.39
CA LYS D 28 8.88 23.44 -23.84
C LYS D 28 8.97 22.18 -24.71
N GLU D 29 8.09 21.19 -24.48
CA GLU D 29 8.04 19.98 -25.32
C GLU D 29 7.04 20.07 -26.46
N GLY D 30 6.57 21.28 -26.75
CA GLY D 30 5.82 21.56 -27.96
C GLY D 30 4.32 21.48 -27.87
N ALA D 31 3.77 21.30 -26.68
CA ALA D 31 2.33 21.36 -26.53
C ALA D 31 1.82 22.80 -26.58
N LYS D 32 0.62 22.92 -27.10
CA LYS D 32 -0.17 24.11 -26.97
C LYS D 32 -0.89 23.95 -25.64
N VAL D 33 -0.65 24.88 -24.74
CA VAL D 33 -1.04 24.73 -23.35
C VAL D 33 -2.11 25.75 -22.99
N ILE D 34 -3.24 25.26 -22.50
CA ILE D 34 -4.20 26.10 -21.78
C ILE D 34 -3.74 26.25 -20.31
N VAL D 35 -3.29 27.44 -19.96
CA VAL D 35 -3.01 27.78 -18.56
C VAL D 35 -4.32 28.23 -17.88
N SER D 36 -4.76 27.46 -16.89
CA SER D 36 -5.93 27.85 -16.10
C SER D 36 -5.56 28.13 -14.66
N ASP D 37 -6.30 29.07 -14.08
CA ASP D 37 -6.15 29.49 -12.71
C ASP D 37 -7.36 30.33 -12.33
N ILE D 38 -7.66 30.39 -11.04
CA ILE D 38 -8.62 31.38 -10.53
C ILE D 38 -8.08 32.84 -10.55
N ASN D 39 -6.75 33.01 -10.59
CA ASN D 39 -6.09 34.30 -10.48
C ASN D 39 -5.61 34.78 -11.85
N GLU D 40 -6.18 35.87 -12.35
CA GLU D 40 -5.91 36.32 -13.71
C GLU D 40 -4.52 36.91 -13.86
N ASP D 41 -4.05 37.62 -12.84
CA ASP D 41 -2.70 38.17 -12.86
C ASP D 41 -1.68 37.03 -12.98
N HIS D 42 -1.77 36.04 -12.08
CA HIS D 42 -0.80 34.92 -12.12
C HIS D 42 -0.90 34.16 -13.46
N GLY D 43 -2.13 33.92 -13.92
CA GLY D 43 -2.40 33.23 -15.19
C GLY D 43 -1.82 33.90 -16.42
N ASN D 44 -2.04 35.21 -16.54
CA ASN D 44 -1.49 35.97 -17.67
C ASN D 44 0.02 36.07 -17.65
N LYS D 45 0.60 36.34 -16.48
CA LYS D 45 2.08 36.33 -16.33
C LYS D 45 2.68 35.01 -16.83
N ALA D 46 2.04 33.90 -16.48
CA ALA D 46 2.47 32.56 -16.88
C ALA D 46 2.44 32.37 -18.39
N VAL D 47 1.35 32.77 -19.02
CA VAL D 47 1.26 32.72 -20.48
C VAL D 47 2.35 33.59 -21.15
N GLU D 48 2.58 34.80 -20.63
CA GLU D 48 3.61 35.68 -21.20
C GLU D 48 5.01 35.09 -21.05
N ASP D 49 5.30 34.48 -19.89
CA ASP D 49 6.59 33.81 -19.68
C ASP D 49 6.79 32.61 -20.62
N ILE D 50 5.71 31.88 -20.90
CA ILE D 50 5.76 30.73 -21.82
C ILE D 50 5.90 31.20 -23.27
N LYS D 51 5.20 32.27 -23.62
CA LYS D 51 5.34 32.89 -24.93
C LYS D 51 6.75 33.41 -25.11
N ALA D 52 7.23 34.15 -24.12
CA ALA D 52 8.60 34.70 -24.11
C ALA D 52 9.64 33.64 -24.41
N GLN D 53 9.45 32.42 -23.89
CA GLN D 53 10.39 31.32 -24.13
C GLN D 53 9.98 30.40 -25.31
N GLY D 54 9.14 30.90 -26.21
CA GLY D 54 8.90 30.27 -27.50
C GLY D 54 7.75 29.28 -27.60
N GLY D 55 6.93 29.20 -26.56
CA GLY D 55 5.82 28.25 -26.52
C GLY D 55 4.51 28.88 -26.91
N GLU D 56 3.52 28.02 -27.19
CA GLU D 56 2.15 28.42 -27.43
C GLU D 56 1.35 28.11 -26.16
N ALA D 57 0.77 29.15 -25.60
CA ALA D 57 -0.09 29.05 -24.43
C ALA D 57 -1.18 30.09 -24.54
N SER D 58 -2.27 29.84 -23.85
CA SER D 58 -3.37 30.78 -23.79
C SER D 58 -4.06 30.61 -22.42
N PHE D 59 -4.54 31.72 -21.83
CA PHE D 59 -5.09 31.73 -20.46
C PHE D 59 -6.60 31.60 -20.45
N VAL D 60 -7.14 30.65 -19.66
CA VAL D 60 -8.58 30.55 -19.43
C VAL D 60 -8.83 30.44 -17.91
N LYS D 61 -9.57 31.42 -17.39
CA LYS D 61 -9.92 31.51 -15.96
C LYS D 61 -10.89 30.39 -15.55
N ALA D 62 -10.68 29.77 -14.38
CA ALA D 62 -11.66 28.81 -13.87
C ALA D 62 -11.42 28.51 -12.41
N ASP D 63 -12.52 28.33 -11.69
CA ASP D 63 -12.51 27.82 -10.33
C ASP D 63 -12.93 26.33 -10.44
N THR D 64 -12.00 25.40 -10.19
CA THR D 64 -12.27 23.99 -10.38
C THR D 64 -13.40 23.45 -9.53
N SER D 65 -13.68 24.08 -8.38
CA SER D 65 -14.81 23.65 -7.52
C SER D 65 -16.19 23.97 -8.12
N ASN D 66 -16.24 24.76 -9.19
CA ASN D 66 -17.49 24.98 -9.93
C ASN D 66 -17.54 24.11 -11.19
N PRO D 67 -18.44 23.10 -11.26
CA PRO D 67 -18.39 22.23 -12.39
C PRO D 67 -18.72 22.90 -13.71
N GLU D 68 -19.59 23.91 -13.68
CA GLU D 68 -19.88 24.71 -14.87
C GLU D 68 -18.65 25.41 -15.43
N GLU D 69 -17.80 25.96 -14.56
CA GLU D 69 -16.55 26.59 -15.04
C GLU D 69 -15.52 25.62 -15.63
N VAL D 70 -15.54 24.37 -15.12
CA VAL D 70 -14.63 23.34 -15.61
C VAL D 70 -15.11 22.80 -16.95
N GLU D 71 -16.40 22.56 -17.08
CA GLU D 71 -16.98 22.23 -18.39
C GLU D 71 -16.65 23.32 -19.42
N ALA D 72 -16.76 24.58 -18.98
CA ALA D 72 -16.54 25.75 -19.85
C ALA D 72 -15.05 25.89 -20.19
N LEU D 73 -14.18 25.49 -19.26
CA LEU D 73 -12.75 25.48 -19.52
C LEU D 73 -12.39 24.56 -20.65
N VAL D 74 -12.99 23.36 -20.64
CA VAL D 74 -12.64 22.35 -21.62
C VAL D 74 -13.19 22.74 -23.00
N LYS D 75 -14.48 23.04 -23.03
CA LYS D 75 -15.10 23.73 -24.17
C LYS D 75 -14.22 24.85 -24.79
N ARG D 76 -13.77 25.77 -23.97
CA ARG D 76 -12.88 26.85 -24.45
C ARG D 76 -11.51 26.38 -24.97
N THR D 77 -10.98 25.31 -24.34
CA THR D 77 -9.74 24.70 -24.78
C THR D 77 -9.86 24.22 -26.23
N VAL D 78 -11.00 23.60 -26.53
CA VAL D 78 -11.30 23.03 -27.83
C VAL D 78 -11.57 24.15 -28.83
N GLU D 79 -12.20 25.24 -28.38
CA GLU D 79 -12.37 26.45 -29.19
C GLU D 79 -11.02 27.05 -29.59
N ILE D 80 -10.17 27.30 -28.59
CA ILE D 80 -8.86 27.91 -28.84
C ILE D 80 -7.93 26.97 -29.61
N TYR D 81 -7.98 25.65 -29.38
CA TYR D 81 -6.97 24.76 -30.00
C TYR D 81 -7.46 23.53 -30.75
N GLY D 82 -8.75 23.28 -30.81
CA GLY D 82 -9.32 22.21 -31.64
C GLY D 82 -9.53 20.85 -30.98
N ARG D 83 -8.88 20.62 -29.84
CA ARG D 83 -8.83 19.26 -29.22
C ARG D 83 -8.30 19.37 -27.80
N LEU D 84 -8.30 18.25 -27.08
CA LEU D 84 -7.60 18.13 -25.79
C LEU D 84 -6.94 16.76 -25.74
N ASP D 85 -5.61 16.75 -25.63
CA ASP D 85 -4.85 15.51 -25.53
C ASP D 85 -4.37 15.12 -24.13
N ILE D 86 -4.02 16.13 -23.33
CA ILE D 86 -3.35 15.99 -22.06
C ILE D 86 -4.04 16.90 -21.06
N ALA D 87 -4.35 16.39 -19.86
CA ALA D 87 -4.78 17.28 -18.78
C ALA D 87 -4.06 16.99 -17.43
N CYS D 88 -3.55 18.04 -16.76
CA CYS D 88 -3.07 17.92 -15.39
C CYS D 88 -3.98 18.66 -14.45
N ASN D 89 -4.62 17.90 -13.57
CA ASN D 89 -5.53 18.46 -12.58
C ASN D 89 -4.77 18.75 -11.32
N ASN D 90 -4.30 19.99 -11.22
CA ASN D 90 -3.35 20.42 -10.21
C ASN D 90 -3.86 21.41 -9.17
N ALA D 91 -4.93 22.13 -9.49
CA ALA D 91 -5.45 23.17 -8.58
C ALA D 91 -5.81 22.53 -7.29
N GLY D 92 -5.38 23.15 -6.22
CA GLY D 92 -5.55 22.63 -4.88
C GLY D 92 -5.28 23.71 -3.84
N ILE D 93 -5.79 23.48 -2.63
CA ILE D 93 -5.50 24.31 -1.48
C ILE D 93 -5.08 23.43 -0.29
N GLY D 94 -4.40 24.06 0.67
CA GLY D 94 -3.94 23.42 1.90
C GLY D 94 -5.05 23.26 2.93
N GLY D 95 -5.82 24.33 3.09
CA GLY D 95 -6.94 24.37 4.01
C GLY D 95 -6.56 24.73 5.43
N GLU D 96 -7.57 24.91 6.25
CA GLU D 96 -7.39 25.12 7.68
C GLU D 96 -6.56 24.01 8.33
N GLN D 97 -5.75 24.37 9.30
CA GLN D 97 -5.06 23.41 10.12
C GLN D 97 -5.71 23.31 11.49
N ALA D 98 -6.22 22.14 11.83
CA ALA D 98 -6.90 21.91 13.11
C ALA D 98 -7.04 20.43 13.29
N LEU D 99 -7.14 19.98 14.54
CA LEU D 99 -7.42 18.56 14.85
C LEU D 99 -8.78 18.20 14.26
N ALA D 100 -8.98 16.95 13.87
CA ALA D 100 -10.21 16.58 13.16
C ALA D 100 -11.51 16.92 13.96
N GLY D 101 -11.44 16.75 15.28
CA GLY D 101 -12.57 17.08 16.18
C GLY D 101 -12.85 18.59 16.26
N ASP D 102 -11.85 19.42 15.94
CA ASP D 102 -12.00 20.90 15.85
C ASP D 102 -12.24 21.40 14.45
N TYR D 103 -12.28 20.52 13.45
CA TYR D 103 -12.17 20.95 12.07
C TYR D 103 -13.48 21.57 11.59
N GLY D 104 -13.36 22.74 10.99
CA GLY D 104 -14.55 23.48 10.59
C GLY D 104 -15.34 22.74 9.52
N LEU D 105 -16.68 22.85 9.59
CA LEU D 105 -17.57 22.27 8.58
C LEU D 105 -17.39 22.88 7.21
N ASP D 106 -17.35 24.21 7.17
CA ASP D 106 -17.14 24.91 5.92
C ASP D 106 -15.71 24.72 5.40
N SER D 107 -14.73 24.68 6.30
CA SER D 107 -13.34 24.47 5.90
C SER D 107 -13.16 23.08 5.28
N TRP D 108 -13.84 22.09 5.86
CA TRP D 108 -13.84 20.71 5.33
C TRP D 108 -14.40 20.71 3.94
N ARG D 109 -15.59 21.23 3.80
CA ARG D 109 -16.20 21.29 2.47
C ARG D 109 -15.40 22.05 1.42
N LYS D 110 -14.73 23.14 1.81
CA LYS D 110 -13.93 23.93 0.87
C LYS D 110 -12.75 23.11 0.30
N VAL D 111 -12.03 22.43 1.18
CA VAL D 111 -10.91 21.61 0.77
C VAL D 111 -11.40 20.48 -0.12
N LEU D 112 -12.45 19.79 0.32
CA LEU D 112 -12.98 18.68 -0.49
C LEU D 112 -13.54 19.15 -1.83
N SER D 113 -14.19 20.31 -1.88
CA SER D 113 -14.75 20.76 -3.16
C SER D 113 -13.69 21.09 -4.18
N ILE D 114 -12.56 21.66 -3.75
CA ILE D 114 -11.46 21.98 -4.65
C ILE D 114 -10.59 20.75 -4.93
N ASN D 115 -10.06 20.14 -3.86
CA ASN D 115 -9.01 19.14 -4.02
C ASN D 115 -9.53 17.81 -4.53
N LEU D 116 -10.77 17.49 -4.19
CA LEU D 116 -11.42 16.32 -4.78
C LEU D 116 -12.45 16.65 -5.88
N ASP D 117 -13.53 17.35 -5.53
CA ASP D 117 -14.61 17.50 -6.50
C ASP D 117 -14.10 18.16 -7.79
N GLY D 118 -13.19 19.11 -7.65
CA GLY D 118 -12.64 19.85 -8.80
C GLY D 118 -11.79 18.97 -9.69
N VAL D 119 -11.10 18.02 -9.07
CA VAL D 119 -10.35 17.02 -9.81
C VAL D 119 -11.31 16.12 -10.51
N PHE D 120 -12.36 15.68 -9.83
CA PHE D 120 -13.37 14.87 -10.48
C PHE D 120 -14.03 15.62 -11.65
N TYR D 121 -14.39 16.88 -11.43
CA TYR D 121 -15.00 17.67 -12.54
C TYR D 121 -14.08 17.79 -13.73
N GLY D 122 -12.82 18.07 -13.47
CA GLY D 122 -11.80 18.03 -14.52
C GLY D 122 -11.83 16.73 -15.27
N CYS D 123 -11.57 15.62 -14.57
CA CYS D 123 -11.61 14.33 -15.18
C CYS D 123 -12.86 14.09 -16.00
N LYS D 124 -14.02 14.39 -15.43
CA LYS D 124 -15.29 14.17 -16.15
C LYS D 124 -15.34 14.91 -17.50
N TYR D 125 -15.06 16.19 -17.53
CA TYR D 125 -15.18 16.93 -18.85
C TYR D 125 -13.99 16.67 -19.76
N GLU D 126 -12.83 16.41 -19.18
CA GLU D 126 -11.66 15.99 -19.93
C GLU D 126 -11.89 14.66 -20.65
N LEU D 127 -12.38 13.67 -19.91
CA LEU D 127 -12.70 12.35 -20.47
C LEU D 127 -13.74 12.46 -21.57
N GLU D 128 -14.80 13.22 -21.28
CA GLU D 128 -15.83 13.50 -22.29
C GLU D 128 -15.21 14.01 -23.62
N GLN D 129 -14.26 14.95 -23.56
CA GLN D 129 -13.58 15.46 -24.74
C GLN D 129 -12.62 14.49 -25.38
N MET D 130 -11.80 13.85 -24.56
CA MET D 130 -10.85 12.89 -25.09
C MET D 130 -11.55 11.80 -25.89
N GLU D 131 -12.72 11.34 -25.46
CA GLU D 131 -13.42 10.31 -26.23
C GLU D 131 -13.82 10.83 -27.63
N LYS D 132 -13.99 12.15 -27.79
CA LYS D 132 -14.30 12.73 -29.11
C LYS D 132 -13.10 12.83 -30.02
N ASN D 133 -11.88 12.94 -29.46
CA ASN D 133 -10.68 13.15 -30.27
C ASN D 133 -9.66 12.01 -30.12
N GLY D 134 -10.17 10.79 -30.00
CA GLY D 134 -9.36 9.58 -30.11
C GLY D 134 -8.54 9.21 -28.88
N GLY D 135 -8.83 9.83 -27.73
CA GLY D 135 -8.09 9.51 -26.53
C GLY D 135 -7.24 10.61 -25.97
N GLY D 136 -6.49 10.24 -24.93
CA GLY D 136 -5.73 11.21 -24.18
C GLY D 136 -5.15 10.66 -22.90
N VAL D 137 -4.50 11.55 -22.14
CA VAL D 137 -3.80 11.21 -20.94
C VAL D 137 -4.12 12.26 -19.86
N ILE D 138 -4.47 11.77 -18.68
CA ILE D 138 -4.70 12.63 -17.53
C ILE D 138 -3.67 12.36 -16.44
N VAL D 139 -3.15 13.43 -15.84
CA VAL D 139 -2.39 13.35 -14.59
C VAL D 139 -3.11 14.13 -13.49
N ASN D 140 -3.44 13.41 -12.42
CA ASN D 140 -4.01 13.98 -11.23
C ASN D 140 -2.94 14.27 -10.20
N MET D 141 -2.92 15.49 -9.69
CA MET D 141 -1.99 15.87 -8.65
C MET D 141 -2.53 15.39 -7.32
N ALA D 142 -1.88 14.38 -6.74
CA ALA D 142 -2.19 13.94 -5.42
C ALA D 142 -1.15 14.57 -4.47
N SER D 143 -0.52 13.76 -3.65
CA SER D 143 0.37 14.20 -2.61
C SER D 143 0.84 12.86 -1.96
N ILE D 144 1.96 12.91 -1.25
CA ILE D 144 2.25 11.90 -0.24
C ILE D 144 1.06 11.72 0.70
N HIS D 145 0.25 12.76 0.85
CA HIS D 145 -0.92 12.64 1.74
C HIS D 145 -2.10 11.99 1.10
N GLY D 146 -1.91 11.42 -0.10
CA GLY D 146 -2.85 10.44 -0.63
C GLY D 146 -2.58 9.03 -0.09
N ILE D 147 -1.46 8.83 0.63
CA ILE D 147 -1.14 7.51 1.26
C ILE D 147 -0.74 7.56 2.74
N VAL D 148 -0.32 8.74 3.27
CA VAL D 148 0.03 8.84 4.70
C VAL D 148 -0.58 10.12 5.29
N ALA D 149 -0.81 10.12 6.58
CA ALA D 149 -1.52 11.24 7.24
C ALA D 149 -0.68 12.54 7.26
N ALA D 150 -1.35 13.67 7.24
CA ALA D 150 -0.73 14.97 7.56
C ALA D 150 -1.48 15.45 8.81
N PRO D 151 -0.95 15.19 9.99
CA PRO D 151 -1.74 15.64 11.19
C PRO D 151 -2.09 17.14 11.16
N LEU D 152 -3.31 17.47 11.63
CA LEU D 152 -3.97 18.78 11.51
C LEU D 152 -4.52 19.15 10.12
N SER D 153 -4.38 18.26 9.13
CA SER D 153 -4.89 18.53 7.78
C SER D 153 -5.70 17.32 7.31
N SER D 154 -6.70 16.91 8.10
CA SER D 154 -7.50 15.71 7.78
C SER D 154 -8.30 15.84 6.45
N ALA D 155 -8.76 17.05 6.14
CA ALA D 155 -9.49 17.32 4.89
C ALA D 155 -8.59 17.14 3.66
N TYR D 156 -7.42 17.80 3.71
CA TYR D 156 -6.40 17.64 2.66
C TYR D 156 -6.09 16.14 2.42
N THR D 157 -5.77 15.45 3.51
CA THR D 157 -5.46 14.01 3.46
C THR D 157 -6.59 13.23 2.84
N SER D 158 -7.81 13.43 3.32
CA SER D 158 -8.93 12.70 2.78
C SER D 158 -9.14 12.96 1.28
N ALA D 159 -9.08 14.23 0.88
CA ALA D 159 -9.21 14.63 -0.51
C ALA D 159 -8.12 13.97 -1.40
N LYS D 160 -6.88 13.95 -0.91
CA LYS D 160 -5.77 13.39 -1.69
C LYS D 160 -5.87 11.91 -1.78
N HIS D 161 -6.31 11.24 -0.70
CA HIS D 161 -6.61 9.80 -0.77
C HIS D 161 -7.70 9.55 -1.85
N ALA D 162 -8.76 10.35 -1.81
CA ALA D 162 -9.85 10.20 -2.78
C ALA D 162 -9.37 10.33 -4.22
N VAL D 163 -8.46 11.26 -4.47
CA VAL D 163 -7.86 11.42 -5.80
C VAL D 163 -7.16 10.16 -6.28
N VAL D 164 -6.47 9.49 -5.38
CA VAL D 164 -5.77 8.25 -5.73
C VAL D 164 -6.78 7.21 -6.17
N GLY D 165 -7.84 7.08 -5.37
CA GLY D 165 -8.90 6.11 -5.65
C GLY D 165 -9.55 6.42 -6.99
N LEU D 166 -9.79 7.71 -7.25
CA LEU D 166 -10.47 8.15 -8.51
C LEU D 166 -9.59 7.80 -9.68
N THR D 167 -8.29 8.00 -9.52
CA THR D 167 -7.33 7.67 -10.54
C THR D 167 -7.33 6.18 -10.88
N LYS D 168 -7.31 5.32 -9.86
CA LYS D 168 -7.41 3.90 -10.08
C LYS D 168 -8.67 3.60 -10.86
N ASN D 169 -9.80 4.15 -10.41
CA ASN D 169 -11.07 3.89 -11.14
C ASN D 169 -11.04 4.27 -12.60
N ILE D 170 -10.59 5.49 -12.90
CA ILE D 170 -10.50 5.94 -14.29
C ILE D 170 -9.51 5.12 -15.10
N GLY D 171 -8.32 4.82 -14.56
CA GLY D 171 -7.36 4.06 -15.34
C GLY D 171 -7.95 2.69 -15.68
N ALA D 172 -8.65 2.09 -14.71
CA ALA D 172 -9.26 0.76 -14.95
C ALA D 172 -10.40 0.86 -16.01
N GLU D 173 -11.29 1.82 -15.82
CA GLU D 173 -12.47 1.96 -16.69
C GLU D 173 -12.10 2.28 -18.16
N TYR D 174 -11.01 3.00 -18.35
CA TYR D 174 -10.68 3.59 -19.67
C TYR D 174 -9.47 2.92 -20.34
N GLY D 175 -9.03 1.79 -19.81
CA GLY D 175 -7.85 1.16 -20.33
C GLY D 175 -7.88 0.79 -21.80
N GLN D 176 -9.06 0.39 -22.29
CA GLN D 176 -9.22 -0.02 -23.71
C GLN D 176 -9.85 1.11 -24.53
N LYS D 177 -9.85 2.34 -24.02
CA LYS D 177 -10.48 3.48 -24.68
C LYS D 177 -9.45 4.54 -24.97
N ASN D 178 -8.18 4.14 -25.14
CA ASN D 178 -7.09 5.02 -25.52
C ASN D 178 -6.89 6.20 -24.60
N ILE D 179 -7.25 6.03 -23.32
CA ILE D 179 -7.09 7.05 -22.29
C ILE D 179 -6.31 6.43 -21.14
N ARG D 180 -5.31 7.17 -20.65
CA ARG D 180 -4.59 6.81 -19.42
C ARG D 180 -4.80 7.89 -18.36
N CYS D 181 -4.70 7.45 -17.12
CA CYS D 181 -4.82 8.33 -16.00
C CYS D 181 -3.99 7.80 -14.86
N ASN D 182 -3.12 8.67 -14.35
CA ASN D 182 -2.22 8.37 -13.23
C ASN D 182 -2.15 9.57 -12.31
N ALA D 183 -1.69 9.31 -11.11
CA ALA D 183 -1.56 10.32 -10.07
C ALA D 183 -0.14 10.46 -9.63
N VAL D 184 0.23 11.69 -9.30
CA VAL D 184 1.55 12.00 -8.79
C VAL D 184 1.42 12.40 -7.33
N GLY D 185 2.41 11.98 -6.52
CA GLY D 185 2.43 12.17 -5.07
C GLY D 185 3.70 12.89 -4.64
N PRO D 186 3.69 14.23 -4.77
CA PRO D 186 4.83 14.97 -4.20
C PRO D 186 4.85 15.05 -2.69
N ALA D 187 6.06 15.11 -2.13
CA ALA D 187 6.23 15.42 -0.75
C ALA D 187 6.21 16.95 -0.64
N TYR D 188 7.02 17.55 0.20
CA TYR D 188 6.97 19.01 0.40
C TYR D 188 7.93 19.63 -0.60
N ILE D 189 7.45 20.67 -1.26
CA ILE D 189 8.09 21.29 -2.41
C ILE D 189 8.38 22.77 -2.09
N GLU D 190 9.59 23.21 -2.38
CA GLU D 190 9.94 24.65 -2.20
C GLU D 190 8.98 25.56 -2.93
N THR D 191 8.32 26.45 -2.19
CA THR D 191 7.66 27.64 -2.76
C THR D 191 7.84 28.77 -1.73
N PRO D 192 7.80 30.04 -2.20
CA PRO D 192 7.93 31.23 -1.33
C PRO D 192 7.30 31.14 0.08
N LEU D 193 6.03 30.70 0.16
CA LEU D 193 5.40 30.31 1.44
C LEU D 193 6.37 29.58 2.37
N LEU D 194 6.88 28.43 1.94
CA LEU D 194 7.73 27.56 2.78
C LEU D 194 9.04 28.21 3.25
N GLU D 195 9.62 29.10 2.44
CA GLU D 195 10.78 29.92 2.85
C GLU D 195 10.53 30.85 4.05
N SER D 196 9.26 31.20 4.28
CA SER D 196 8.83 32.03 5.41
C SER D 196 8.97 31.37 6.78
N LEU D 197 8.73 30.05 6.85
CA LEU D 197 8.88 29.27 8.09
C LEU D 197 10.13 29.59 8.89
N THR D 198 10.03 29.42 10.21
CA THR D 198 11.21 29.51 11.07
C THR D 198 12.21 28.45 10.61
N LYS D 199 13.49 28.80 10.67
CA LYS D 199 14.55 27.91 10.19
C LYS D 199 14.41 26.50 10.78
N GLU D 200 14.20 26.44 12.09
CA GLU D 200 13.95 25.19 12.79
C GLU D 200 12.71 24.41 12.29
N MET D 201 11.63 25.11 11.91
CA MET D 201 10.44 24.43 11.34
C MET D 201 10.76 23.89 9.96
N LYS D 202 11.45 24.71 9.15
CA LYS D 202 11.88 24.24 7.83
C LYS D 202 12.80 23.04 7.99
N GLU D 203 13.74 23.08 8.93
CA GLU D 203 14.61 21.92 9.20
C GLU D 203 13.87 20.67 9.72
N ALA D 204 12.82 20.86 10.52
CA ALA D 204 11.96 19.75 10.95
C ALA D 204 11.28 19.04 9.78
N LEU D 205 10.78 19.81 8.82
CA LEU D 205 10.15 19.28 7.62
C LEU D 205 11.18 18.58 6.75
N ILE D 206 12.35 19.21 6.58
CA ILE D 206 13.45 18.64 5.79
C ILE D 206 13.88 17.31 6.37
N SER D 207 13.89 17.19 7.70
CA SER D 207 14.36 15.96 8.35
C SER D 207 13.38 14.80 8.12
N LYS D 208 12.16 15.09 7.70
CA LYS D 208 11.23 14.03 7.30
C LYS D 208 11.50 13.46 5.90
N HIS D 209 12.43 14.07 5.14
CA HIS D 209 12.72 13.62 3.79
C HIS D 209 14.10 13.01 3.78
N PRO D 210 14.21 11.69 3.53
CA PRO D 210 15.57 11.11 3.55
C PRO D 210 16.62 11.75 2.63
N MET D 211 16.18 12.40 1.57
CA MET D 211 17.10 13.10 0.70
C MET D 211 17.69 14.41 1.29
N GLY D 212 17.17 14.86 2.43
CA GLY D 212 17.80 15.93 3.19
C GLY D 212 17.57 17.30 2.56
N ARG D 213 16.52 17.44 1.76
CA ARG D 213 16.08 18.74 1.23
C ARG D 213 14.63 18.61 0.81
N LEU D 214 14.00 19.74 0.50
CA LEU D 214 12.68 19.74 -0.11
C LEU D 214 12.84 19.59 -1.60
N GLY D 215 11.75 19.17 -2.24
CA GLY D 215 11.70 19.06 -3.69
C GLY D 215 11.52 20.43 -4.34
N LYS D 216 11.85 20.49 -5.62
CA LYS D 216 11.59 21.65 -6.45
C LYS D 216 10.42 21.42 -7.38
N PRO D 217 9.66 22.49 -7.71
CA PRO D 217 8.50 22.32 -8.62
C PRO D 217 8.82 21.63 -9.92
N GLU D 218 9.99 21.96 -10.47
CA GLU D 218 10.44 21.35 -11.73
C GLU D 218 10.65 19.83 -11.60
N GLU D 219 11.05 19.35 -10.43
CA GLU D 219 11.23 17.90 -10.22
C GLU D 219 9.89 17.15 -10.24
N VAL D 220 8.83 17.80 -9.77
CA VAL D 220 7.49 17.25 -9.91
C VAL D 220 7.06 17.28 -11.35
N ALA D 221 7.30 18.42 -11.99
CA ALA D 221 6.94 18.60 -13.38
C ALA D 221 7.60 17.59 -14.31
N GLU D 222 8.85 17.18 -14.06
CA GLU D 222 9.45 16.13 -14.92
C GLU D 222 8.65 14.80 -14.89
N LEU D 223 8.20 14.42 -13.68
CA LEU D 223 7.36 13.23 -13.56
C LEU D 223 6.03 13.42 -14.29
N VAL D 224 5.43 14.61 -14.15
CA VAL D 224 4.14 14.89 -14.79
C VAL D 224 4.26 14.78 -16.29
N LEU D 225 5.30 15.42 -16.82
CA LEU D 225 5.63 15.34 -18.26
C LEU D 225 5.79 13.89 -18.77
N PHE D 226 6.62 13.14 -18.10
CA PHE D 226 6.80 11.69 -18.38
C PHE D 226 5.46 10.94 -18.41
N LEU D 227 4.64 11.09 -17.38
CA LEU D 227 3.30 10.42 -17.34
C LEU D 227 2.28 10.94 -18.33
N SER D 228 2.54 12.11 -18.89
CA SER D 228 1.65 12.72 -19.90
C SER D 228 2.04 12.37 -21.32
N SER D 229 3.29 11.89 -21.49
CA SER D 229 3.82 11.52 -22.83
C SER D 229 3.61 10.06 -23.13
N GLU D 230 3.89 9.72 -24.39
CA GLU D 230 3.93 8.37 -24.90
C GLU D 230 4.98 7.49 -24.26
N LYS D 231 5.97 8.05 -23.60
CA LYS D 231 6.99 7.22 -22.95
C LYS D 231 6.41 6.31 -21.85
N SER D 232 5.29 6.75 -21.25
CA SER D 232 4.58 6.01 -20.20
C SER D 232 3.39 5.22 -20.73
N SER D 233 3.51 4.74 -21.99
CA SER D 233 2.35 4.16 -22.69
C SER D 233 1.70 2.95 -22.05
N PHE D 234 2.44 2.18 -21.24
CA PHE D 234 1.83 1.05 -20.50
C PHE D 234 1.57 1.37 -18.99
N MET D 235 1.49 2.66 -18.67
CA MET D 235 1.21 3.10 -17.30
C MET D 235 -0.12 3.76 -17.15
N THR D 236 -0.95 3.15 -16.34
CA THR D 236 -2.28 3.69 -16.04
C THR D 236 -2.82 3.22 -14.72
N GLY D 237 -3.70 4.04 -14.16
CA GLY D 237 -4.29 3.84 -12.87
C GLY D 237 -3.32 3.88 -11.68
N GLY D 238 -2.07 4.27 -11.89
CA GLY D 238 -1.04 4.19 -10.85
C GLY D 238 -0.83 5.53 -10.13
N TYR D 239 -0.24 5.38 -8.95
CA TYR D 239 0.18 6.47 -8.09
C TYR D 239 1.67 6.45 -8.06
N TYR D 240 2.27 7.61 -8.38
CA TYR D 240 3.74 7.74 -8.57
C TYR D 240 4.34 8.76 -7.63
N LEU D 241 5.22 8.32 -6.73
CA LEU D 241 5.75 9.21 -5.71
C LEU D 241 6.85 10.11 -6.27
N VAL D 242 6.90 11.35 -5.82
CA VAL D 242 8.09 12.20 -6.05
C VAL D 242 8.34 12.87 -4.71
N ASP D 243 8.94 12.08 -3.82
CA ASP D 243 8.87 12.31 -2.39
C ASP D 243 10.14 12.41 -1.59
N GLY D 244 11.29 12.33 -2.24
CA GLY D 244 12.56 12.38 -1.51
C GLY D 244 12.76 11.27 -0.52
N GLY D 245 12.04 10.14 -0.70
CA GLY D 245 12.11 9.07 0.30
C GLY D 245 11.12 9.19 1.45
N TYR D 246 10.31 10.25 1.48
CA TYR D 246 9.45 10.52 2.69
C TYR D 246 8.63 9.29 3.15
N THR D 247 7.91 8.66 2.22
CA THR D 247 7.09 7.50 2.49
C THR D 247 7.80 6.15 2.53
N ALA D 248 9.08 6.09 2.21
CA ALA D 248 9.84 4.83 2.30
C ALA D 248 10.04 4.39 3.77
N VAL D 249 9.95 5.34 4.72
CA VAL D 249 10.14 5.10 6.14
C VAL D 249 8.90 5.42 6.95
#